data_8IOO
#
_entry.id   8IOO
#
_cell.length_a   152.897
_cell.length_b   124.842
_cell.length_c   80.917
_cell.angle_alpha   90.000
_cell.angle_beta   92.720
_cell.angle_gamma   90.000
#
_symmetry.space_group_name_H-M   'C 1 2 1'
#
loop_
_entity.id
_entity.type
_entity.pdbx_description
1 polymer 'RecJ-like protein'
2 non-polymer 'MAGNESIUM ION'
3 non-polymer 'SULFATE ION'
4 water water
#
_entity_poly.entity_id   1
_entity_poly.type   'polypeptide(L)'
_entity_poly.pdbx_seq_one_letter_code
;MTAENSATPDYRRNVGAVADALLAHPGPIVVLSHENPDGDALGSVLGLSRALRTLGKTVLAPMTVPHYLSFLPQPGELTA
PLESWPQGALAAVLDVDNNDPVRVAGADLTQFDGPVVNVDHHGTNLRRADAGVVDPSKPAAAMMVADVIDALGAPWSEAV
ATPLMLGLNTDTGNFAFDSVSAETFECAARLRAHGARIGWLNDQMRQNPQSYYLLLREVLGKLEFLHGGRVVQTRVDEEM
LARAGATWEQVENYVSMLRNAEGAQLAVMAKDYGDRVKFSLRSRGPVSAQNIAVALGGGGHVPAAGATVISSYAEARARL
DAAIEAELARVDAQATAE
;
_entity_poly.pdbx_strand_id   A,B,C
#
loop_
_chem_comp.id
_chem_comp.type
_chem_comp.name
_chem_comp.formula
MG non-polymer 'MAGNESIUM ION' 'Mg 2'
SO4 non-polymer 'SULFATE ION' 'O4 S -2'
#
# COMPACT_ATOMS: atom_id res chain seq x y z
N THR A 8 13.61 -9.18 -24.14
CA THR A 8 15.06 -9.02 -24.27
C THR A 8 15.72 -10.38 -24.02
N PRO A 9 16.89 -10.63 -24.63
CA PRO A 9 17.54 -11.94 -24.47
C PRO A 9 17.77 -12.30 -23.02
N ASP A 10 18.23 -11.33 -22.21
CA ASP A 10 18.36 -11.51 -20.77
C ASP A 10 17.03 -11.95 -20.14
N TYR A 11 15.96 -11.20 -20.39
CA TYR A 11 14.64 -11.54 -19.88
C TYR A 11 14.22 -12.93 -20.34
N ARG A 12 14.28 -13.17 -21.65
CA ARG A 12 13.87 -14.47 -22.18
C ARG A 12 14.77 -15.60 -21.69
N ARG A 13 16.06 -15.31 -21.47
CA ARG A 13 16.96 -16.33 -20.91
C ARG A 13 16.62 -16.64 -19.46
N ASN A 14 16.24 -15.62 -18.68
CA ASN A 14 15.89 -15.86 -17.28
C ASN A 14 14.52 -16.51 -17.13
N VAL A 15 13.55 -16.12 -17.97
CA VAL A 15 12.27 -16.82 -18.02
C VAL A 15 12.54 -18.28 -18.30
N GLY A 16 13.46 -18.53 -19.24
CA GLY A 16 13.80 -19.89 -19.60
C GLY A 16 14.47 -20.65 -18.46
N ALA A 17 15.38 -19.98 -17.73
CA ALA A 17 16.03 -20.64 -16.61
C ALA A 17 15.03 -20.97 -15.52
N VAL A 18 14.04 -20.12 -15.29
CA VAL A 18 13.04 -20.40 -14.26
C VAL A 18 12.18 -21.59 -14.66
N ALA A 19 11.72 -21.62 -15.92
CA ALA A 19 10.96 -22.77 -16.37
C ALA A 19 11.79 -24.04 -16.31
N ASP A 20 13.07 -23.93 -16.67
CA ASP A 20 13.98 -25.08 -16.65
C ASP A 20 14.11 -25.65 -15.25
N ALA A 21 14.37 -24.79 -14.27
CA ALA A 21 14.48 -25.27 -12.89
C ALA A 21 13.18 -25.93 -12.42
N LEU A 22 12.03 -25.44 -12.89
CA LEU A 22 10.74 -25.96 -12.43
C LEU A 22 10.47 -27.33 -13.05
N LEU A 23 10.63 -27.42 -14.37
CA LEU A 23 10.49 -28.69 -15.08
C LEU A 23 11.45 -29.74 -14.57
N ALA A 24 12.70 -29.37 -14.26
CA ALA A 24 13.72 -30.33 -13.86
C ALA A 24 13.56 -30.83 -12.43
N HIS A 25 12.74 -30.18 -11.60
CA HIS A 25 12.71 -30.51 -10.19
C HIS A 25 11.82 -31.71 -9.96
N PRO A 26 12.29 -32.75 -9.26
CA PRO A 26 11.46 -33.96 -9.10
C PRO A 26 10.54 -33.94 -7.90
N GLY A 27 10.89 -33.20 -6.84
CA GLY A 27 10.14 -33.24 -5.61
C GLY A 27 9.06 -32.18 -5.55
N PRO A 28 8.61 -31.85 -4.33
CA PRO A 28 7.53 -30.86 -4.19
C PRO A 28 8.00 -29.46 -4.55
N ILE A 29 7.07 -28.66 -5.10
CA ILE A 29 7.31 -27.26 -5.43
C ILE A 29 6.39 -26.45 -4.55
N VAL A 30 6.97 -25.62 -3.68
CA VAL A 30 6.19 -24.78 -2.79
C VAL A 30 6.10 -23.41 -3.42
N VAL A 31 4.90 -22.98 -3.80
CA VAL A 31 4.72 -21.73 -4.50
C VAL A 31 4.22 -20.70 -3.48
N LEU A 32 4.92 -19.57 -3.40
CA LEU A 32 4.78 -18.59 -2.34
C LEU A 32 4.75 -17.20 -2.94
N SER A 33 4.11 -16.30 -2.20
CA SER A 33 4.10 -14.88 -2.48
C SER A 33 4.08 -14.13 -1.15
N HIS A 34 3.74 -12.84 -1.21
CA HIS A 34 3.94 -11.96 -0.07
C HIS A 34 2.76 -11.99 0.89
N GLU A 35 3.02 -11.61 2.14
CA GLU A 35 1.92 -11.49 3.10
C GLU A 35 0.94 -10.40 2.68
N ASN A 36 -0.30 -10.54 3.16
CA ASN A 36 -1.47 -9.83 2.65
C ASN A 36 -1.45 -9.83 1.13
N PRO A 37 -1.64 -10.99 0.52
CA PRO A 37 -1.54 -11.11 -0.94
C PRO A 37 -2.50 -10.17 -1.63
N ASP A 38 -2.09 -9.62 -2.75
CA ASP A 38 -3.02 -8.81 -3.58
C ASP A 38 -3.49 -9.69 -4.75
N GLY A 39 -4.24 -9.12 -5.67
CA GLY A 39 -4.72 -9.87 -6.84
C GLY A 39 -3.57 -10.43 -7.66
N ASP A 40 -2.49 -9.68 -7.79
CA ASP A 40 -1.29 -10.14 -8.55
C ASP A 40 -0.65 -11.33 -7.85
N ALA A 41 -0.50 -11.25 -6.53
CA ALA A 41 0.08 -12.36 -5.75
C ALA A 41 -0.78 -13.63 -5.88
N LEU A 42 -2.07 -13.53 -5.58
CA LEU A 42 -2.98 -14.70 -5.63
C LEU A 42 -3.06 -15.17 -7.09
N GLY A 43 -3.28 -14.22 -8.00
CA GLY A 43 -3.45 -14.65 -9.38
C GLY A 43 -2.22 -15.30 -9.97
N SER A 44 -1.03 -14.78 -9.62
CA SER A 44 0.21 -15.42 -10.08
C SER A 44 0.40 -16.78 -9.43
N VAL A 45 0.14 -16.88 -8.13
CA VAL A 45 0.30 -18.17 -7.46
C VAL A 45 -0.65 -19.20 -8.04
N LEU A 46 -1.92 -18.81 -8.31
CA LEU A 46 -2.91 -19.74 -8.83
C LEU A 46 -2.59 -20.14 -10.27
N GLY A 47 -2.19 -19.17 -11.11
CA GLY A 47 -1.87 -19.49 -12.48
C GLY A 47 -0.69 -20.44 -12.61
N LEU A 48 0.39 -20.18 -11.87
CA LEU A 48 1.54 -21.05 -11.95
C LEU A 48 1.23 -22.42 -11.34
N SER A 49 0.50 -22.46 -10.22
CA SER A 49 0.17 -23.72 -9.56
C SER A 49 -0.68 -24.62 -10.44
N ARG A 50 -1.71 -24.04 -11.08
CA ARG A 50 -2.57 -24.80 -11.97
C ARG A 50 -1.78 -25.31 -13.16
N ALA A 51 -0.91 -24.46 -13.71
CA ALA A 51 -0.11 -24.86 -14.86
C ALA A 51 0.84 -25.99 -14.49
N LEU A 52 1.50 -25.87 -13.34
CA LEU A 52 2.43 -26.91 -12.90
C LEU A 52 1.71 -28.22 -12.63
N ARG A 53 0.46 -28.16 -12.19
CA ARG A 53 -0.27 -29.40 -11.95
C ARG A 53 -0.69 -30.12 -13.23
N THR A 54 -1.01 -29.38 -14.29
CA THR A 54 -1.26 -30.07 -15.57
C THR A 54 -0.03 -30.79 -16.08
N LEU A 55 1.17 -30.40 -15.64
CA LEU A 55 2.38 -31.15 -15.97
C LEU A 55 2.70 -32.21 -14.92
N GLY A 56 1.75 -32.52 -14.04
CA GLY A 56 1.95 -33.62 -13.11
C GLY A 56 2.80 -33.31 -11.90
N LYS A 57 3.10 -32.03 -11.65
CA LYS A 57 3.94 -31.69 -10.51
C LYS A 57 3.16 -31.66 -9.19
N THR A 58 3.84 -32.06 -8.12
CA THR A 58 3.34 -31.91 -6.76
C THR A 58 3.57 -30.47 -6.30
N VAL A 59 2.49 -29.74 -6.05
CA VAL A 59 2.55 -28.32 -5.75
C VAL A 59 1.85 -28.09 -4.42
N LEU A 60 2.47 -27.33 -3.53
CA LEU A 60 1.79 -26.80 -2.37
C LEU A 60 1.79 -25.28 -2.46
N ALA A 61 0.62 -24.67 -2.26
CA ALA A 61 0.51 -23.22 -2.32
C ALA A 61 -0.05 -22.68 -1.01
N PRO A 62 0.80 -22.47 0.00
CA PRO A 62 0.35 -21.92 1.29
C PRO A 62 0.08 -20.42 1.19
N MET A 63 -1.16 -20.03 1.49
CA MET A 63 -1.60 -18.64 1.37
C MET A 63 -2.90 -18.40 2.12
N THR A 64 -2.99 -17.25 2.80
CA THR A 64 -4.23 -16.79 3.42
C THR A 64 -4.89 -15.77 2.50
N VAL A 65 -6.08 -16.08 2.03
CA VAL A 65 -6.76 -15.27 1.03
C VAL A 65 -7.66 -14.26 1.73
N PRO A 66 -7.61 -12.99 1.37
CA PRO A 66 -8.57 -12.03 1.94
C PRO A 66 -9.95 -12.29 1.36
N HIS A 67 -10.96 -11.81 2.07
CA HIS A 67 -12.32 -12.13 1.68
C HIS A 67 -12.63 -11.68 0.26
N TYR A 68 -12.22 -10.46 -0.12
CA TYR A 68 -12.64 -9.96 -1.42
C TYR A 68 -12.01 -10.74 -2.57
N LEU A 69 -11.03 -11.59 -2.31
CA LEU A 69 -10.40 -12.38 -3.36
C LEU A 69 -10.80 -13.85 -3.26
N SER A 70 -11.57 -14.22 -2.24
CA SER A 70 -11.86 -15.63 -1.97
C SER A 70 -12.72 -16.29 -3.05
N PHE A 71 -13.30 -15.52 -3.97
CA PHE A 71 -13.98 -16.13 -5.09
C PHE A 71 -13.02 -16.78 -6.08
N LEU A 72 -11.75 -16.43 -6.06
CA LEU A 72 -10.88 -16.80 -7.19
C LEU A 72 -10.29 -18.21 -7.06
N PRO A 73 -9.80 -18.65 -5.89
CA PRO A 73 -9.30 -20.02 -5.79
C PRO A 73 -10.45 -21.02 -5.84
N GLN A 74 -10.16 -22.20 -6.36
CA GLN A 74 -11.00 -23.36 -6.12
C GLN A 74 -10.85 -23.79 -4.66
N PRO A 75 -11.89 -24.38 -4.05
CA PRO A 75 -11.78 -24.76 -2.65
C PRO A 75 -10.70 -25.80 -2.47
N GLY A 76 -9.96 -25.69 -1.37
CA GLY A 76 -8.85 -26.65 -1.21
C GLY A 76 -7.80 -26.63 -2.32
N GLU A 77 -7.60 -25.48 -2.98
CA GLU A 77 -6.48 -25.31 -3.90
C GLU A 77 -5.23 -24.79 -3.20
N LEU A 78 -5.41 -24.02 -2.13
CA LEU A 78 -4.36 -23.45 -1.31
C LEU A 78 -4.33 -24.20 0.01
N THR A 79 -3.23 -24.07 0.77
CA THR A 79 -3.15 -24.70 2.09
C THR A 79 -2.84 -23.66 3.15
N ALA A 80 -2.96 -24.10 4.40
CA ALA A 80 -2.51 -23.31 5.52
C ALA A 80 -0.98 -23.18 5.49
N PRO A 81 -0.41 -22.23 6.24
CA PRO A 81 1.04 -22.09 6.29
C PRO A 81 1.71 -23.40 6.66
N LEU A 82 2.91 -23.58 6.14
CA LEU A 82 3.67 -24.80 6.40
C LEU A 82 4.51 -24.61 7.65
N GLU A 83 4.39 -25.54 8.59
CA GLU A 83 5.16 -25.44 9.80
C GLU A 83 6.52 -26.09 9.64
N SER A 84 6.77 -26.80 8.54
CA SER A 84 8.12 -27.21 8.16
C SER A 84 8.12 -27.50 6.66
N TRP A 85 9.32 -27.71 6.11
CA TRP A 85 9.43 -27.83 4.66
C TRP A 85 9.37 -29.29 4.23
N PRO A 86 8.57 -29.63 3.21
CA PRO A 86 8.65 -30.97 2.62
C PRO A 86 10.08 -31.31 2.24
N GLN A 87 10.45 -32.57 2.43
CA GLN A 87 11.74 -33.08 2.00
C GLN A 87 11.89 -32.89 0.49
N GLY A 88 13.05 -32.38 0.06
CA GLY A 88 13.29 -32.24 -1.37
C GLY A 88 12.53 -31.13 -2.04
N ALA A 89 12.04 -30.15 -1.30
CA ALA A 89 11.20 -29.11 -1.87
C ALA A 89 12.03 -28.07 -2.65
N LEU A 90 11.38 -27.43 -3.61
CA LEU A 90 11.85 -26.21 -4.25
C LEU A 90 10.87 -25.10 -3.95
N ALA A 91 11.36 -23.91 -3.64
CA ALA A 91 10.48 -22.77 -3.39
C ALA A 91 10.46 -21.88 -4.62
N ALA A 92 9.24 -21.58 -5.09
CA ALA A 92 9.01 -20.69 -6.21
C ALA A 92 8.33 -19.44 -5.65
N VAL A 93 9.06 -18.34 -5.60
CA VAL A 93 8.62 -17.15 -4.89
C VAL A 93 8.21 -16.11 -5.95
N LEU A 94 6.96 -15.67 -5.90
CA LEU A 94 6.41 -14.78 -6.92
C LEU A 94 5.99 -13.45 -6.30
N ASP A 95 6.21 -12.35 -7.03
CA ASP A 95 5.64 -11.04 -6.71
C ASP A 95 6.25 -10.48 -5.43
N VAL A 96 7.41 -11.02 -5.03
CA VAL A 96 8.12 -10.56 -3.84
C VAL A 96 9.54 -11.10 -3.99
N ASP A 97 10.48 -10.54 -3.24
CA ASP A 97 11.87 -10.99 -3.27
C ASP A 97 12.08 -12.14 -2.29
N ASN A 98 12.68 -13.23 -2.77
CA ASN A 98 13.02 -14.34 -1.88
C ASN A 98 14.09 -13.94 -0.84
N ASN A 99 14.90 -12.90 -1.13
CA ASN A 99 15.85 -12.35 -0.16
C ASN A 99 15.20 -11.43 0.83
N ASP A 100 13.86 -11.37 0.81
CA ASP A 100 13.09 -10.57 1.78
C ASP A 100 12.17 -11.55 2.52
N PRO A 101 12.69 -12.49 3.35
CA PRO A 101 11.85 -13.52 3.97
C PRO A 101 10.69 -13.04 4.84
N VAL A 102 10.82 -11.88 5.47
CA VAL A 102 9.76 -11.37 6.39
C VAL A 102 8.47 -11.19 5.58
N ARG A 103 8.61 -10.77 4.33
CA ARG A 103 7.42 -10.46 3.49
C ARG A 103 6.92 -11.72 2.78
N VAL A 104 7.70 -12.79 2.75
CA VAL A 104 7.26 -14.07 2.12
C VAL A 104 6.39 -14.82 3.12
N ALA A 105 5.13 -14.98 2.79
CA ALA A 105 4.19 -15.66 3.71
C ALA A 105 3.94 -17.11 3.31
N GLY A 106 3.54 -17.91 4.28
CA GLY A 106 3.12 -19.27 4.03
C GLY A 106 4.18 -20.30 4.34
N ALA A 107 5.45 -19.90 4.41
CA ALA A 107 6.52 -20.77 4.83
C ALA A 107 7.71 -19.89 5.22
N ASP A 108 8.63 -20.47 5.98
CA ASP A 108 9.71 -19.70 6.59
C ASP A 108 10.98 -19.98 5.80
N LEU A 109 11.33 -19.06 4.89
CA LEU A 109 12.47 -19.26 4.00
C LEU A 109 13.81 -19.27 4.73
N THR A 110 13.90 -18.72 5.94
CA THR A 110 15.15 -18.81 6.70
C THR A 110 15.40 -20.22 7.21
N GLN A 111 14.40 -21.10 7.16
CA GLN A 111 14.56 -22.50 7.57
C GLN A 111 14.84 -23.43 6.40
N PHE A 112 15.01 -22.90 5.20
CA PHE A 112 15.01 -23.70 3.99
C PHE A 112 16.32 -23.48 3.27
N ASP A 113 16.98 -24.54 2.84
CA ASP A 113 18.09 -24.31 1.90
C ASP A 113 18.10 -25.33 0.78
N GLY A 114 16.95 -25.57 0.18
CA GLY A 114 16.86 -26.15 -1.14
C GLY A 114 16.84 -25.08 -2.22
N PRO A 115 16.55 -25.49 -3.47
CA PRO A 115 16.57 -24.54 -4.59
C PRO A 115 15.44 -23.52 -4.49
N VAL A 116 15.77 -22.27 -4.85
CA VAL A 116 14.81 -21.18 -4.86
C VAL A 116 14.77 -20.54 -6.25
N VAL A 117 13.56 -20.34 -6.73
CA VAL A 117 13.24 -19.66 -7.97
C VAL A 117 12.40 -18.43 -7.66
N ASN A 118 12.62 -17.35 -8.42
CA ASN A 118 12.01 -16.06 -8.15
C ASN A 118 11.48 -15.47 -9.46
N VAL A 119 10.29 -14.85 -9.39
CA VAL A 119 9.66 -14.12 -10.49
C VAL A 119 9.06 -12.86 -9.87
N ASP A 120 9.64 -11.69 -10.18
CA ASP A 120 9.24 -10.48 -9.46
C ASP A 120 9.34 -9.26 -10.38
N HIS A 121 8.63 -8.20 -10.00
CA HIS A 121 8.60 -6.98 -10.79
C HIS A 121 8.80 -5.71 -9.94
N HIS A 122 9.42 -5.81 -8.76
CA HIS A 122 9.82 -4.66 -7.97
C HIS A 122 11.33 -4.42 -8.05
N GLY A 123 11.70 -3.15 -8.10
CA GLY A 123 13.09 -2.79 -8.38
C GLY A 123 14.03 -3.06 -7.23
N THR A 124 13.52 -3.02 -5.99
CA THR A 124 14.31 -3.24 -4.78
C THR A 124 14.77 -4.69 -4.62
N ASN A 125 14.43 -5.56 -5.57
CA ASN A 125 14.72 -6.98 -5.41
C ASN A 125 16.22 -7.19 -5.52
N LEU A 126 16.80 -7.97 -4.61
CA LEU A 126 18.25 -8.16 -4.55
C LEU A 126 18.77 -9.01 -5.71
N ARG A 127 17.88 -9.59 -6.52
CA ARG A 127 18.24 -10.40 -7.69
C ARG A 127 19.27 -11.48 -7.35
N ARG A 128 18.91 -12.33 -6.37
CA ARG A 128 19.76 -13.45 -5.99
C ARG A 128 18.87 -14.65 -5.70
N ALA A 129 18.91 -15.64 -6.59
CA ALA A 129 18.13 -16.84 -6.46
C ALA A 129 18.81 -17.89 -7.31
N ASP A 130 18.42 -19.14 -7.12
CA ASP A 130 19.04 -20.19 -7.93
C ASP A 130 18.64 -20.05 -9.40
N ALA A 131 17.43 -19.57 -9.67
CA ALA A 131 17.04 -19.12 -11.01
C ALA A 131 16.01 -18.02 -10.81
N GLY A 132 16.13 -16.95 -11.56
CA GLY A 132 15.36 -15.76 -11.24
C GLY A 132 15.18 -14.88 -12.45
N VAL A 133 14.09 -14.12 -12.41
CA VAL A 133 13.86 -13.05 -13.35
C VAL A 133 13.09 -11.93 -12.64
N VAL A 134 13.68 -10.74 -12.66
CA VAL A 134 13.11 -9.52 -12.08
C VAL A 134 13.03 -8.48 -13.18
N ASP A 135 11.83 -7.95 -13.43
CA ASP A 135 11.65 -6.93 -14.46
C ASP A 135 10.69 -5.84 -14.03
N PRO A 136 11.20 -4.72 -13.51
CA PRO A 136 10.32 -3.64 -13.06
C PRO A 136 9.63 -2.89 -14.19
N SER A 137 9.99 -3.17 -15.44
CA SER A 137 9.23 -2.58 -16.53
C SER A 137 7.92 -3.32 -16.78
N LYS A 138 7.75 -4.54 -16.21
CA LYS A 138 6.47 -5.23 -16.29
C LYS A 138 5.59 -4.76 -15.15
N PRO A 139 4.35 -4.31 -15.39
CA PRO A 139 3.54 -3.78 -14.30
C PRO A 139 2.85 -4.83 -13.44
N ALA A 140 2.97 -6.11 -13.76
CA ALA A 140 2.34 -7.12 -12.91
C ALA A 140 3.16 -8.40 -13.01
N ALA A 141 3.39 -9.05 -11.87
CA ALA A 141 4.09 -10.33 -11.91
C ALA A 141 3.32 -11.35 -12.73
N ALA A 142 1.98 -11.20 -12.84
CA ALA A 142 1.20 -12.18 -13.60
C ALA A 142 1.60 -12.22 -15.08
N MET A 143 2.00 -11.05 -15.64
CA MET A 143 2.55 -11.01 -16.99
C MET A 143 3.74 -11.93 -17.11
N MET A 144 4.64 -11.83 -16.15
CA MET A 144 5.88 -12.57 -16.21
C MET A 144 5.60 -14.06 -15.98
N VAL A 145 4.62 -14.35 -15.11
CA VAL A 145 4.21 -15.74 -14.90
C VAL A 145 3.65 -16.33 -16.17
N ALA A 146 2.86 -15.54 -16.91
CA ALA A 146 2.39 -15.99 -18.21
C ALA A 146 3.53 -16.37 -19.13
N ASP A 147 4.58 -15.53 -19.17
CA ASP A 147 5.75 -15.91 -19.99
C ASP A 147 6.41 -17.19 -19.51
N VAL A 148 6.52 -17.37 -18.19
CA VAL A 148 7.06 -18.61 -17.66
C VAL A 148 6.20 -19.81 -18.06
N ILE A 149 4.87 -19.66 -18.06
CA ILE A 149 4.01 -20.77 -18.44
C ILE A 149 4.20 -21.12 -19.91
N ASP A 150 4.37 -20.11 -20.78
CA ASP A 150 4.72 -20.40 -22.19
C ASP A 150 5.99 -21.22 -22.28
N ALA A 151 7.00 -20.86 -21.50
CA ALA A 151 8.27 -21.58 -21.54
C ALA A 151 8.15 -22.94 -20.88
N LEU A 152 7.16 -23.15 -20.01
CA LEU A 152 6.94 -24.46 -19.44
C LEU A 152 6.36 -25.46 -20.42
N GLY A 153 5.75 -24.99 -21.52
CA GLY A 153 5.04 -25.90 -22.39
C GLY A 153 3.72 -26.39 -21.86
N ALA A 154 3.17 -25.73 -20.81
CA ALA A 154 1.95 -26.22 -20.20
C ALA A 154 0.72 -25.83 -21.02
N PRO A 155 -0.30 -26.69 -21.05
CA PRO A 155 -1.51 -26.38 -21.82
C PRO A 155 -2.22 -25.16 -21.25
N TRP A 156 -2.55 -24.23 -22.12
CA TRP A 156 -3.29 -23.07 -21.69
C TRP A 156 -4.78 -23.39 -21.61
N SER A 157 -5.48 -22.68 -20.76
CA SER A 157 -6.90 -22.92 -20.56
C SER A 157 -7.43 -21.71 -19.81
N GLU A 158 -8.77 -21.65 -19.70
CA GLU A 158 -9.40 -20.58 -18.94
C GLU A 158 -8.96 -20.62 -17.48
N ALA A 159 -8.84 -21.83 -16.91
CA ALA A 159 -8.41 -21.95 -15.51
C ALA A 159 -7.04 -21.31 -15.26
N VAL A 160 -6.11 -21.43 -16.21
CA VAL A 160 -4.81 -20.79 -16.06
C VAL A 160 -4.90 -19.30 -16.36
N ALA A 161 -5.67 -18.92 -17.39
CA ALA A 161 -5.63 -17.55 -17.89
C ALA A 161 -6.37 -16.60 -16.97
N THR A 162 -7.55 -17.01 -16.47
CA THR A 162 -8.40 -16.17 -15.63
C THR A 162 -7.69 -15.60 -14.39
N PRO A 163 -6.94 -16.38 -13.60
CA PRO A 163 -6.28 -15.76 -12.43
C PRO A 163 -5.15 -14.83 -12.84
N LEU A 164 -4.47 -15.11 -13.95
CA LEU A 164 -3.41 -14.18 -14.39
C LEU A 164 -4.00 -12.87 -14.87
N MET A 165 -5.19 -12.92 -15.48
CA MET A 165 -5.88 -11.69 -15.93
C MET A 165 -6.26 -10.81 -14.73
N LEU A 166 -6.67 -11.43 -13.63
CA LEU A 166 -7.05 -10.65 -12.42
C LEU A 166 -5.83 -9.91 -11.89
N GLY A 167 -4.71 -10.60 -11.73
CA GLY A 167 -3.47 -9.95 -11.28
C GLY A 167 -3.11 -8.80 -12.18
N LEU A 168 -3.20 -9.02 -13.49
CA LEU A 168 -2.94 -7.92 -14.43
C LEU A 168 -3.86 -6.73 -14.19
N ASN A 169 -5.17 -7.00 -14.01
CA ASN A 169 -6.14 -5.95 -13.72
C ASN A 169 -5.79 -5.23 -12.44
N THR A 170 -5.64 -5.97 -11.34
CA THR A 170 -5.51 -5.31 -10.04
C THR A 170 -4.19 -4.56 -9.89
N ASP A 171 -3.09 -5.09 -10.43
CA ASP A 171 -1.81 -4.35 -10.32
C ASP A 171 -1.72 -3.14 -11.25
N THR A 172 -2.53 -3.07 -12.29
CA THR A 172 -2.53 -1.92 -13.17
C THR A 172 -3.72 -1.03 -12.95
N GLY A 173 -4.56 -1.36 -11.97
CA GLY A 173 -5.73 -0.57 -11.68
C GLY A 173 -6.73 -0.58 -12.83
N ASN A 174 -6.98 -1.77 -13.38
CA ASN A 174 -7.79 -1.91 -14.58
C ASN A 174 -7.19 -1.17 -15.76
N PHE A 175 -5.90 -1.39 -16.00
CA PHE A 175 -5.21 -0.86 -17.18
C PHE A 175 -5.29 0.67 -17.22
N ALA A 176 -5.26 1.29 -16.04
CA ALA A 176 -5.33 2.75 -15.91
C ALA A 176 -4.07 3.42 -15.41
N PHE A 177 -3.08 2.69 -14.90
CA PHE A 177 -1.88 3.33 -14.36
C PHE A 177 -0.89 3.67 -15.46
N ASP A 178 0.00 4.63 -15.16
CA ASP A 178 1.04 5.04 -16.11
C ASP A 178 2.00 3.89 -16.43
N SER A 179 2.01 2.83 -15.60
CA SER A 179 2.88 1.68 -15.85
C SER A 179 2.37 0.76 -16.94
N VAL A 180 1.17 1.01 -17.48
CA VAL A 180 0.60 0.14 -18.50
C VAL A 180 1.35 0.39 -19.80
N SER A 181 1.86 -0.67 -20.41
CA SER A 181 2.65 -0.55 -21.63
C SER A 181 1.90 -1.23 -22.76
N ALA A 182 2.38 -1.03 -24.00
CA ALA A 182 1.78 -1.78 -25.10
C ALA A 182 1.80 -3.29 -24.80
N GLU A 183 2.93 -3.79 -24.30
CA GLU A 183 3.06 -5.22 -24.06
C GLU A 183 2.16 -5.71 -22.92
N THR A 184 1.79 -4.84 -21.98
CA THR A 184 0.75 -5.14 -21.01
C THR A 184 -0.57 -5.47 -21.68
N PHE A 185 -0.96 -4.66 -22.66
CA PHE A 185 -2.21 -4.92 -23.36
C PHE A 185 -2.07 -6.13 -24.26
N GLU A 186 -0.88 -6.32 -24.84
CA GLU A 186 -0.65 -7.52 -25.64
C GLU A 186 -0.79 -8.77 -24.77
N CYS A 187 -0.36 -8.68 -23.51
CA CYS A 187 -0.54 -9.79 -22.58
C CYS A 187 -2.01 -10.05 -22.25
N ALA A 188 -2.78 -8.98 -22.00
CA ALA A 188 -4.21 -9.11 -21.77
C ALA A 188 -4.92 -9.77 -22.95
N ALA A 189 -4.61 -9.32 -24.16
CA ALA A 189 -5.21 -9.92 -25.34
C ALA A 189 -4.99 -11.42 -25.38
N ARG A 190 -3.75 -11.83 -25.10
CA ARG A 190 -3.39 -13.25 -25.14
C ARG A 190 -4.14 -14.03 -24.06
N LEU A 191 -4.24 -13.46 -22.86
CA LEU A 191 -5.00 -14.08 -21.77
C LEU A 191 -6.47 -14.18 -22.12
N ARG A 192 -7.05 -13.11 -22.69
CA ARG A 192 -8.45 -13.15 -23.08
C ARG A 192 -8.70 -14.17 -24.17
N ALA A 193 -7.79 -14.26 -25.15
CA ALA A 193 -7.93 -15.26 -26.21
C ALA A 193 -7.89 -16.68 -25.65
N HIS A 194 -7.20 -16.88 -24.52
CA HIS A 194 -7.14 -18.17 -23.85
C HIS A 194 -8.37 -18.45 -22.99
N GLY A 195 -9.29 -17.48 -22.90
CA GLY A 195 -10.53 -17.66 -22.18
C GLY A 195 -10.69 -16.97 -20.83
N ALA A 196 -9.73 -16.12 -20.45
CA ALA A 196 -9.83 -15.38 -19.19
C ALA A 196 -11.19 -14.69 -19.07
N ARG A 197 -11.88 -14.93 -17.95
CA ARG A 197 -13.30 -14.56 -17.81
C ARG A 197 -13.40 -13.12 -17.30
N ILE A 198 -13.26 -12.18 -18.24
CA ILE A 198 -13.10 -10.78 -17.89
C ILE A 198 -14.37 -10.24 -17.20
N GLY A 199 -15.55 -10.61 -17.71
CA GLY A 199 -16.78 -10.12 -17.12
C GLY A 199 -17.02 -10.63 -15.72
N TRP A 200 -16.92 -11.95 -15.54
CA TRP A 200 -16.99 -12.56 -14.21
C TRP A 200 -16.03 -11.91 -13.22
N LEU A 201 -14.75 -11.78 -13.61
CA LEU A 201 -13.77 -11.16 -12.71
C LEU A 201 -14.23 -9.80 -12.20
N ASN A 202 -14.71 -8.94 -13.10
CA ASN A 202 -15.10 -7.59 -12.67
C ASN A 202 -16.42 -7.58 -11.89
N ASP A 203 -17.37 -8.48 -12.23
CA ASP A 203 -18.47 -8.73 -11.29
C ASP A 203 -17.97 -9.04 -9.89
N GLN A 204 -17.13 -10.07 -9.75
CA GLN A 204 -16.70 -10.51 -8.41
C GLN A 204 -15.93 -9.44 -7.67
N MET A 205 -15.20 -8.58 -8.40
CA MET A 205 -14.40 -7.54 -7.76
C MET A 205 -15.27 -6.38 -7.29
N ARG A 206 -16.47 -6.25 -7.84
CA ARG A 206 -17.41 -5.22 -7.43
C ARG A 206 -18.53 -5.89 -6.65
N GLN A 207 -18.19 -6.70 -5.67
CA GLN A 207 -19.25 -7.27 -4.81
C GLN A 207 -19.10 -6.63 -3.43
N ASN A 208 -19.90 -5.58 -3.17
CA ASN A 208 -19.76 -4.72 -1.97
C ASN A 208 -20.77 -5.16 -0.92
N PRO A 209 -20.35 -5.43 0.33
CA PRO A 209 -21.29 -5.83 1.38
C PRO A 209 -22.12 -4.63 1.78
N GLN A 210 -23.26 -4.92 2.43
CA GLN A 210 -24.10 -3.85 2.96
C GLN A 210 -23.29 -2.86 3.76
N SER A 211 -22.36 -3.39 4.57
CA SER A 211 -21.47 -2.55 5.40
C SER A 211 -20.82 -1.41 4.61
N TYR A 212 -20.36 -1.71 3.40
CA TYR A 212 -19.69 -0.71 2.59
C TYR A 212 -20.58 0.52 2.34
N TYR A 213 -21.84 0.29 1.99
CA TYR A 213 -22.74 1.39 1.68
C TYR A 213 -23.10 2.17 2.93
N LEU A 214 -23.36 1.45 4.02
CA LEU A 214 -23.69 2.09 5.28
C LEU A 214 -22.53 2.93 5.79
N LEU A 215 -21.33 2.34 5.79
CA LEU A 215 -20.12 3.08 6.18
C LEU A 215 -19.90 4.29 5.28
N LEU A 216 -20.15 4.12 3.98
CA LEU A 216 -19.92 5.26 3.04
C LEU A 216 -20.90 6.38 3.39
N ARG A 217 -22.14 6.01 3.71
CA ARG A 217 -23.16 7.03 4.06
C ARG A 217 -22.68 7.79 5.29
N GLU A 218 -22.22 7.06 6.29
CA GLU A 218 -21.73 7.70 7.54
C GLU A 218 -20.53 8.59 7.21
N VAL A 219 -19.58 8.06 6.44
CA VAL A 219 -18.40 8.86 6.09
C VAL A 219 -18.82 10.13 5.36
N LEU A 220 -19.70 9.95 4.37
CA LEU A 220 -20.21 11.08 3.61
C LEU A 220 -21.05 11.99 4.50
N GLY A 221 -21.68 11.41 5.52
CA GLY A 221 -22.44 12.22 6.47
C GLY A 221 -21.58 13.24 7.19
N LYS A 222 -20.28 12.97 7.28
CA LYS A 222 -19.35 13.92 7.95
C LYS A 222 -18.45 14.60 6.91
N LEU A 223 -18.67 14.37 5.61
CA LEU A 223 -17.86 15.11 4.63
C LEU A 223 -17.98 16.63 4.82
N GLU A 224 -16.91 17.37 4.46
CA GLU A 224 -16.94 18.79 4.61
C GLU A 224 -16.04 19.42 3.56
N PHE A 225 -16.58 20.39 2.83
CA PHE A 225 -15.79 21.24 1.96
C PHE A 225 -15.55 22.58 2.65
N LEU A 226 -14.28 22.96 2.80
CA LEU A 226 -13.88 24.14 3.55
C LEU A 226 -12.94 24.94 2.68
N HIS A 227 -12.69 26.21 3.06
CA HIS A 227 -11.80 27.15 2.33
C HIS A 227 -12.16 27.25 0.85
N GLY A 228 -13.46 27.24 0.53
CA GLY A 228 -13.93 27.37 -0.83
C GLY A 228 -13.60 26.22 -1.75
N GLY A 229 -13.78 24.99 -1.29
CA GLY A 229 -13.50 23.81 -2.08
C GLY A 229 -12.05 23.34 -2.07
N ARG A 230 -11.12 24.17 -1.62
CA ARG A 230 -9.70 23.81 -1.61
C ARG A 230 -9.39 22.67 -0.64
N VAL A 231 -10.20 22.49 0.40
CA VAL A 231 -9.94 21.56 1.50
C VAL A 231 -11.17 20.68 1.66
N VAL A 232 -10.98 19.37 1.51
CA VAL A 232 -12.04 18.42 1.78
C VAL A 232 -11.59 17.54 2.93
N GLN A 233 -12.55 17.15 3.78
CA GLN A 233 -12.21 16.61 5.08
C GLN A 233 -13.35 15.73 5.60
N THR A 234 -13.02 14.59 6.19
CA THR A 234 -14.05 13.81 6.88
C THR A 234 -13.38 13.00 7.99
N ARG A 235 -14.13 12.05 8.55
CA ARG A 235 -13.63 11.26 9.69
C ARG A 235 -14.47 10.01 9.90
N VAL A 236 -13.92 9.06 10.64
CA VAL A 236 -14.66 7.83 11.01
C VAL A 236 -14.31 7.51 12.46
N ASP A 237 -15.33 7.20 13.27
CA ASP A 237 -15.16 6.84 14.70
C ASP A 237 -15.76 5.46 14.93
N GLU A 238 -15.70 4.95 16.15
CA GLU A 238 -16.16 3.57 16.44
C GLU A 238 -17.69 3.47 16.40
N GLU A 239 -18.38 4.55 16.75
CA GLU A 239 -19.87 4.54 16.66
C GLU A 239 -20.27 4.24 15.22
N MET A 240 -19.65 4.93 14.27
CA MET A 240 -19.98 4.77 12.86
C MET A 240 -19.70 3.36 12.37
N LEU A 241 -18.64 2.72 12.87
CA LEU A 241 -18.35 1.34 12.53
C LEU A 241 -19.34 0.38 13.19
N ALA A 242 -19.81 0.73 14.39
CA ALA A 242 -20.83 -0.09 15.04
C ALA A 242 -22.16 0.01 14.31
N ARG A 243 -22.59 1.23 13.98
CA ARG A 243 -23.84 1.41 13.26
C ARG A 243 -23.80 0.73 11.90
N ALA A 244 -22.63 0.70 11.26
CA ALA A 244 -22.53 0.12 9.92
C ALA A 244 -22.25 -1.37 9.91
N GLY A 245 -21.86 -1.95 11.05
CA GLY A 245 -21.36 -3.31 11.02
C GLY A 245 -20.05 -3.46 10.28
N ALA A 246 -19.20 -2.42 10.32
CA ALA A 246 -17.99 -2.38 9.53
C ALA A 246 -16.75 -2.50 10.41
N THR A 247 -15.59 -2.58 9.77
CA THR A 247 -14.31 -2.72 10.41
C THR A 247 -13.44 -1.50 10.10
N TRP A 248 -12.34 -1.37 10.86
CA TRP A 248 -11.38 -0.31 10.57
C TRP A 248 -10.69 -0.54 9.23
N GLU A 249 -10.58 -1.81 8.83
CA GLU A 249 -9.93 -2.18 7.57
C GLU A 249 -10.64 -1.56 6.38
N GLN A 250 -11.96 -1.59 6.41
CA GLN A 250 -12.79 -1.01 5.37
C GLN A 250 -12.62 0.49 5.25
N VAL A 251 -12.01 1.13 6.24
CA VAL A 251 -11.69 2.55 6.19
C VAL A 251 -10.30 2.70 5.58
N GLU A 252 -10.18 2.44 4.29
CA GLU A 252 -8.87 2.54 3.64
C GLU A 252 -8.92 3.06 2.22
N ASN A 253 -10.06 2.94 1.53
CA ASN A 253 -10.26 3.49 0.20
C ASN A 253 -10.89 4.88 0.25
N TYR A 254 -10.78 5.59 1.37
CA TYR A 254 -11.48 6.85 1.50
C TYR A 254 -10.61 8.07 1.27
N VAL A 255 -9.36 8.07 1.69
CA VAL A 255 -8.49 9.21 1.42
C VAL A 255 -8.33 9.44 -0.08
N SER A 256 -8.47 8.39 -0.90
CA SER A 256 -8.32 8.52 -2.35
C SER A 256 -9.57 9.04 -3.03
N MET A 257 -10.74 8.53 -2.65
CA MET A 257 -11.98 9.06 -3.22
C MET A 257 -12.14 10.54 -2.90
N LEU A 258 -11.49 10.99 -1.82
CA LEU A 258 -11.57 12.41 -1.38
C LEU A 258 -10.60 13.25 -2.20
N ARG A 259 -9.42 12.72 -2.51
CA ARG A 259 -8.41 13.42 -3.32
C ARG A 259 -8.98 13.72 -4.72
N ASN A 260 -10.01 12.98 -5.13
CA ASN A 260 -10.64 13.14 -6.47
C ASN A 260 -11.53 14.39 -6.54
N ALA A 261 -11.81 15.06 -5.42
CA ALA A 261 -12.70 16.22 -5.38
C ALA A 261 -12.10 17.36 -6.19
N GLU A 262 -12.93 17.94 -7.04
CA GLU A 262 -12.46 18.91 -8.02
C GLU A 262 -12.31 20.27 -7.36
N GLY A 263 -11.19 20.95 -7.62
CA GLY A 263 -10.81 22.15 -6.92
C GLY A 263 -10.07 21.92 -5.61
N ALA A 264 -10.11 20.70 -5.07
CA ALA A 264 -9.46 20.44 -3.79
C ALA A 264 -7.95 20.33 -3.97
N GLN A 265 -7.20 21.05 -3.14
CA GLN A 265 -5.76 20.90 -3.06
C GLN A 265 -5.31 20.11 -1.83
N LEU A 266 -6.25 19.67 -1.00
CA LEU A 266 -5.97 18.95 0.24
C LEU A 266 -7.15 18.08 0.59
N ALA A 267 -6.91 16.78 0.78
CA ALA A 267 -7.88 15.86 1.34
C ALA A 267 -7.34 15.39 2.68
N VAL A 268 -8.22 15.29 3.68
CA VAL A 268 -7.84 14.79 5.00
C VAL A 268 -8.87 13.76 5.45
N MET A 269 -8.38 12.57 5.79
CA MET A 269 -9.17 11.57 6.48
C MET A 269 -8.66 11.42 7.91
N ALA A 270 -9.59 11.37 8.86
CA ALA A 270 -9.26 11.22 10.27
C ALA A 270 -9.90 9.94 10.78
N LYS A 271 -9.09 9.05 11.36
CA LYS A 271 -9.60 7.88 12.06
C LYS A 271 -9.54 8.15 13.55
N ASP A 272 -10.70 8.30 14.18
CA ASP A 272 -10.80 8.61 15.60
C ASP A 272 -10.97 7.32 16.38
N TYR A 273 -9.87 6.88 16.95
CA TYR A 273 -9.97 5.79 17.94
C TYR A 273 -10.23 6.64 19.18
N GLY A 274 -10.91 6.16 20.18
CA GLY A 274 -11.26 7.09 21.29
C GLY A 274 -10.13 7.92 21.87
N ASP A 275 -8.91 7.39 21.98
CA ASP A 275 -7.81 8.08 22.71
C ASP A 275 -6.83 8.79 21.78
N ARG A 276 -6.97 8.61 20.48
CA ARG A 276 -6.04 9.14 19.50
C ARG A 276 -6.74 9.22 18.14
N VAL A 277 -6.20 10.09 17.27
CA VAL A 277 -6.75 10.35 15.94
C VAL A 277 -5.64 10.23 14.91
N LYS A 278 -5.83 9.33 13.94
CA LYS A 278 -4.84 9.19 12.88
C LYS A 278 -5.31 9.95 11.65
N PHE A 279 -4.51 10.93 11.23
CA PHE A 279 -4.82 11.76 10.07
C PHE A 279 -4.02 11.26 8.86
N SER A 280 -4.71 11.08 7.73
CA SER A 280 -4.07 10.86 6.43
C SER A 280 -4.29 12.11 5.58
N LEU A 281 -3.21 12.66 5.04
CA LEU A 281 -3.24 13.89 4.24
C LEU A 281 -2.69 13.67 2.84
N ARG A 282 -3.40 14.19 1.84
CA ARG A 282 -2.98 14.16 0.44
C ARG A 282 -3.15 15.56 -0.13
N SER A 283 -2.19 16.04 -0.92
CA SER A 283 -2.27 17.39 -1.43
C SER A 283 -1.84 17.47 -2.89
N ARG A 284 -2.22 18.59 -3.49
CA ARG A 284 -1.94 18.78 -4.91
C ARG A 284 -1.45 20.20 -5.12
N GLY A 285 -0.81 20.43 -6.26
CA GLY A 285 -0.33 21.75 -6.64
C GLY A 285 0.75 22.28 -5.72
N PRO A 286 0.57 23.50 -5.19
CA PRO A 286 1.56 24.09 -4.28
C PRO A 286 1.38 23.74 -2.81
N VAL A 287 0.29 23.09 -2.42
CA VAL A 287 0.05 22.81 -1.02
C VAL A 287 0.91 21.65 -0.58
N SER A 288 1.60 21.81 0.55
CA SER A 288 2.43 20.72 1.08
C SER A 288 1.68 20.02 2.21
N ALA A 289 1.26 18.77 1.98
CA ALA A 289 0.69 17.98 3.07
C ALA A 289 1.71 17.70 4.17
N GLN A 290 3.01 17.72 3.85
CA GLN A 290 4.04 17.45 4.85
C GLN A 290 4.07 18.51 5.93
N ASN A 291 4.13 19.79 5.53
CA ASN A 291 4.16 20.88 6.50
C ASN A 291 3.00 20.78 7.47
N ILE A 292 1.82 20.42 6.96
CA ILE A 292 0.65 20.30 7.82
C ILE A 292 0.83 19.13 8.77
N ALA A 293 1.36 18.01 8.27
CA ALA A 293 1.60 16.86 9.12
C ALA A 293 2.69 17.15 10.15
N VAL A 294 3.79 17.79 9.74
CA VAL A 294 4.85 18.10 10.69
C VAL A 294 4.33 18.99 11.81
N ALA A 295 3.43 19.93 11.48
CA ALA A 295 2.83 20.81 12.49
C ALA A 295 2.01 20.04 13.52
N LEU A 296 1.52 18.85 13.18
CA LEU A 296 0.79 18.03 14.13
C LEU A 296 1.65 16.95 14.77
N GLY A 297 2.95 16.91 14.49
CA GLY A 297 3.81 15.89 15.07
C GLY A 297 4.17 14.72 14.16
N GLY A 298 3.69 14.72 12.92
CA GLY A 298 3.88 13.62 11.98
C GLY A 298 4.80 14.01 10.86
N GLY A 299 4.51 13.60 9.63
CA GLY A 299 5.40 13.91 8.52
C GLY A 299 5.05 13.06 7.31
N GLY A 300 5.95 13.08 6.33
CA GLY A 300 5.84 12.26 5.13
C GLY A 300 6.43 12.99 3.93
N HIS A 301 5.98 12.60 2.74
CA HIS A 301 6.35 13.28 1.52
C HIS A 301 5.56 14.57 1.37
N VAL A 302 6.03 15.44 0.46
CA VAL A 302 5.34 16.71 0.22
C VAL A 302 3.86 16.52 -0.08
N PRO A 303 3.44 15.67 -1.02
CA PRO A 303 2.00 15.49 -1.28
C PRO A 303 1.31 14.39 -0.46
N ALA A 304 2.01 13.64 0.39
CA ALA A 304 1.36 12.53 1.06
C ALA A 304 2.00 12.35 2.43
N ALA A 305 1.21 12.57 3.48
CA ALA A 305 1.79 12.60 4.82
C ALA A 305 0.75 12.11 5.82
N GLY A 306 1.20 11.99 7.07
CA GLY A 306 0.36 11.44 8.12
C GLY A 306 0.82 11.89 9.49
N ALA A 307 -0.08 11.74 10.46
CA ALA A 307 0.20 12.09 11.84
C ALA A 307 -0.82 11.44 12.75
N THR A 308 -0.38 11.05 13.95
CA THR A 308 -1.27 10.55 14.98
C THR A 308 -1.21 11.51 16.15
N VAL A 309 -2.35 12.15 16.45
CA VAL A 309 -2.47 13.06 17.58
C VAL A 309 -3.18 12.32 18.71
N ILE A 310 -2.55 12.28 19.89
CA ILE A 310 -3.10 11.54 21.03
C ILE A 310 -3.93 12.53 21.83
N SER A 311 -5.20 12.66 21.43
CA SER A 311 -6.19 13.55 22.05
C SER A 311 -7.55 13.11 21.53
N SER A 312 -8.58 13.88 21.86
CA SER A 312 -9.90 13.65 21.30
C SER A 312 -9.98 14.30 19.92
N TYR A 313 -11.02 13.95 19.15
CA TYR A 313 -11.14 14.54 17.82
C TYR A 313 -11.26 16.05 17.91
N ALA A 314 -12.05 16.55 18.87
CA ALA A 314 -12.26 18.00 18.97
C ALA A 314 -10.94 18.74 19.09
N GLU A 315 -10.14 18.39 20.11
CA GLU A 315 -8.83 19.00 20.29
C GLU A 315 -7.96 18.84 19.04
N ALA A 316 -7.98 17.67 18.42
CA ALA A 316 -7.11 17.42 17.27
C ALA A 316 -7.54 18.25 16.07
N ARG A 317 -8.86 18.32 15.82
CA ARG A 317 -9.38 19.10 14.72
C ARG A 317 -8.97 20.56 14.77
N ALA A 318 -9.11 21.20 15.95
CA ALA A 318 -8.68 22.59 16.12
C ALA A 318 -7.23 22.78 15.69
N ARG A 319 -6.36 21.87 16.12
CA ARG A 319 -4.95 22.03 15.77
C ARG A 319 -4.72 21.77 14.29
N LEU A 320 -5.48 20.86 13.69
CA LEU A 320 -5.36 20.61 12.26
C LEU A 320 -5.85 21.80 11.44
N ASP A 321 -6.99 22.41 11.84
CA ASP A 321 -7.43 23.65 11.21
C ASP A 321 -6.38 24.72 11.28
N ALA A 322 -5.75 24.86 12.44
CA ALA A 322 -4.72 25.88 12.57
C ALA A 322 -3.58 25.62 11.61
N ALA A 323 -3.15 24.36 11.51
CA ALA A 323 -2.03 24.02 10.64
C ALA A 323 -2.41 24.21 9.17
N ILE A 324 -3.67 23.94 8.84
CA ILE A 324 -4.15 24.13 7.47
C ILE A 324 -4.14 25.61 7.10
N GLU A 325 -4.61 26.47 8.01
CA GLU A 325 -4.67 27.90 7.72
C GLU A 325 -3.29 28.46 7.43
N ALA A 326 -2.28 28.04 8.22
CA ALA A 326 -0.90 28.50 8.00
C ALA A 326 -0.41 28.11 6.61
N GLU A 327 -0.64 26.85 6.23
CA GLU A 327 -0.14 26.37 4.93
C GLU A 327 -0.78 27.12 3.77
N LEU A 328 -2.10 27.25 3.79
CA LEU A 328 -2.78 28.00 2.74
C LEU A 328 -2.29 29.45 2.71
N ALA A 329 -2.12 30.05 3.89
CA ALA A 329 -1.64 31.43 3.98
C ALA A 329 -0.22 31.56 3.40
N ARG A 330 0.62 30.54 3.59
CA ARG A 330 1.96 30.55 3.00
C ARG A 330 1.89 30.44 1.49
N VAL A 331 1.03 29.52 1.00
CA VAL A 331 0.89 29.28 -0.43
C VAL A 331 0.43 30.55 -1.14
N ASP A 332 -0.62 31.19 -0.62
CA ASP A 332 -1.18 32.36 -1.30
C ASP A 332 -0.22 33.53 -1.26
N ALA A 333 0.56 33.65 -0.18
CA ALA A 333 1.54 34.73 -0.10
C ALA A 333 2.68 34.54 -1.08
N GLN A 334 3.00 33.30 -1.44
CA GLN A 334 4.03 33.03 -2.45
C GLN A 334 3.68 33.69 -3.77
N ASP B 10 -15.53 -7.61 -45.67
CA ASP B 10 -16.37 -6.41 -45.89
C ASP B 10 -15.99 -5.31 -44.88
N TYR B 11 -15.66 -5.69 -43.65
CA TYR B 11 -15.20 -4.68 -42.66
C TYR B 11 -14.03 -3.92 -43.27
N ARG B 12 -13.02 -4.66 -43.70
CA ARG B 12 -11.83 -4.02 -44.28
C ARG B 12 -12.19 -3.18 -45.49
N ARG B 13 -13.01 -3.74 -46.39
CA ARG B 13 -13.37 -3.00 -47.59
C ARG B 13 -14.14 -1.72 -47.26
N ASN B 14 -14.96 -1.76 -46.20
CA ASN B 14 -15.75 -0.57 -45.83
C ASN B 14 -14.95 0.44 -45.03
N VAL B 15 -14.08 -0.01 -44.13
CA VAL B 15 -13.14 0.93 -43.52
C VAL B 15 -12.37 1.65 -44.61
N GLY B 16 -11.96 0.89 -45.64
CA GLY B 16 -11.22 1.49 -46.74
C GLY B 16 -12.06 2.49 -47.54
N ALA B 17 -13.35 2.15 -47.75
CA ALA B 17 -14.19 3.07 -48.51
C ALA B 17 -14.45 4.35 -47.72
N VAL B 18 -14.56 4.26 -46.40
CA VAL B 18 -14.74 5.45 -45.59
C VAL B 18 -13.50 6.33 -45.71
N ALA B 19 -12.32 5.70 -45.63
CA ALA B 19 -11.08 6.47 -45.64
C ALA B 19 -10.83 7.08 -47.00
N ASP B 20 -11.12 6.32 -48.07
CA ASP B 20 -10.97 6.85 -49.42
C ASP B 20 -11.89 8.04 -49.67
N ALA B 21 -13.13 7.95 -49.19
CA ALA B 21 -14.07 9.06 -49.34
C ALA B 21 -13.57 10.29 -48.61
N LEU B 22 -12.94 10.10 -47.45
CA LEU B 22 -12.45 11.24 -46.70
C LEU B 22 -11.23 11.85 -47.39
N LEU B 23 -10.32 10.99 -47.88
CA LEU B 23 -9.11 11.46 -48.55
C LEU B 23 -9.45 12.20 -49.84
N ALA B 24 -10.46 11.72 -50.58
CA ALA B 24 -10.80 12.30 -51.88
C ALA B 24 -11.55 13.61 -51.75
N HIS B 25 -12.06 13.95 -50.58
CA HIS B 25 -12.95 15.11 -50.45
C HIS B 25 -12.15 16.40 -50.37
N PRO B 26 -12.41 17.37 -51.24
CA PRO B 26 -11.58 18.56 -51.25
C PRO B 26 -12.10 19.65 -50.30
N GLY B 27 -13.38 19.60 -49.93
CA GLY B 27 -13.97 20.66 -49.14
C GLY B 27 -13.88 20.46 -47.64
N PRO B 28 -14.60 21.27 -46.86
CA PRO B 28 -14.64 21.08 -45.40
C PRO B 28 -15.26 19.73 -45.00
N ILE B 29 -14.79 19.18 -43.87
CA ILE B 29 -15.33 17.93 -43.34
C ILE B 29 -15.93 18.23 -41.98
N VAL B 30 -17.24 18.01 -41.85
CA VAL B 30 -17.97 18.25 -40.60
C VAL B 30 -18.03 16.91 -39.86
N VAL B 31 -17.43 16.83 -38.66
CA VAL B 31 -17.34 15.58 -37.91
C VAL B 31 -18.33 15.68 -36.76
N LEU B 32 -19.25 14.69 -36.69
CA LEU B 32 -20.43 14.76 -35.86
C LEU B 32 -20.60 13.47 -35.05
N SER B 33 -21.18 13.57 -33.87
CA SER B 33 -21.61 12.39 -33.13
C SER B 33 -23.00 12.61 -32.53
N HIS B 34 -23.35 11.77 -31.55
CA HIS B 34 -24.71 11.75 -31.02
C HIS B 34 -24.89 12.81 -29.92
N GLU B 35 -26.15 13.22 -29.75
CA GLU B 35 -26.51 14.15 -28.68
C GLU B 35 -26.14 13.56 -27.32
N ASN B 36 -25.79 14.45 -26.37
CA ASN B 36 -25.20 14.05 -25.10
C ASN B 36 -24.04 13.10 -25.32
N PRO B 37 -22.96 13.61 -25.92
CA PRO B 37 -21.82 12.75 -26.27
C PRO B 37 -21.19 12.13 -25.04
N ASP B 38 -20.76 10.87 -25.18
CA ASP B 38 -20.01 10.15 -24.16
C ASP B 38 -18.52 10.19 -24.52
N GLY B 39 -17.70 9.46 -23.75
CA GLY B 39 -16.27 9.39 -24.04
C GLY B 39 -15.97 8.82 -25.43
N ASP B 40 -16.76 7.81 -25.84
CA ASP B 40 -16.59 7.26 -27.19
C ASP B 40 -16.95 8.28 -28.26
N ALA B 41 -18.06 9.02 -28.06
CA ALA B 41 -18.45 10.05 -29.02
C ALA B 41 -17.38 11.15 -29.12
N LEU B 42 -17.11 11.83 -28.00
CA LEU B 42 -16.11 12.89 -27.98
C LEU B 42 -14.75 12.37 -28.45
N GLY B 43 -14.35 11.19 -27.95
CA GLY B 43 -13.04 10.67 -28.27
C GLY B 43 -12.90 10.31 -29.73
N SER B 44 -13.94 9.70 -30.32
CA SER B 44 -13.88 9.37 -31.74
C SER B 44 -13.84 10.64 -32.59
N VAL B 45 -14.60 11.68 -32.20
CA VAL B 45 -14.66 12.89 -33.01
C VAL B 45 -13.33 13.64 -32.94
N LEU B 46 -12.74 13.73 -31.73
CA LEU B 46 -11.43 14.37 -31.58
C LEU B 46 -10.31 13.59 -32.27
N GLY B 47 -10.26 12.28 -32.09
CA GLY B 47 -9.26 11.52 -32.81
C GLY B 47 -9.32 11.67 -34.32
N LEU B 48 -10.51 11.45 -34.91
CA LEU B 48 -10.66 11.64 -36.35
C LEU B 48 -10.36 13.08 -36.77
N SER B 49 -10.86 14.06 -36.01
CA SER B 49 -10.63 15.46 -36.35
C SER B 49 -9.14 15.80 -36.37
N ARG B 50 -8.40 15.36 -35.35
CA ARG B 50 -6.97 15.62 -35.29
C ARG B 50 -6.23 14.93 -36.42
N ALA B 51 -6.60 13.69 -36.71
CA ALA B 51 -5.95 12.97 -37.80
C ALA B 51 -6.20 13.65 -39.14
N LEU B 52 -7.44 14.08 -39.39
CA LEU B 52 -7.74 14.75 -40.66
C LEU B 52 -7.00 16.09 -40.76
N ARG B 53 -6.91 16.84 -39.66
CA ARG B 53 -6.21 18.14 -39.67
C ARG B 53 -4.71 17.95 -39.94
N THR B 54 -4.07 16.89 -39.43
CA THR B 54 -2.64 16.62 -39.72
C THR B 54 -2.46 16.35 -41.21
N LEU B 55 -3.45 15.74 -41.85
CA LEU B 55 -3.39 15.51 -43.30
C LEU B 55 -3.76 16.81 -44.07
N GLY B 56 -4.04 17.92 -43.38
CA GLY B 56 -4.33 19.13 -44.13
C GLY B 56 -5.79 19.33 -44.49
N LYS B 57 -6.69 18.50 -43.98
CA LYS B 57 -8.13 18.72 -44.17
C LYS B 57 -8.63 19.82 -43.26
N THR B 58 -9.60 20.59 -43.75
CA THR B 58 -10.34 21.53 -42.92
C THR B 58 -11.52 20.82 -42.28
N VAL B 59 -11.60 20.92 -40.95
CA VAL B 59 -12.54 20.14 -40.15
C VAL B 59 -13.37 21.11 -39.32
N LEU B 60 -14.68 20.86 -39.24
CA LEU B 60 -15.56 21.50 -38.30
C LEU B 60 -16.10 20.39 -37.39
N ALA B 61 -16.06 20.56 -36.07
CA ALA B 61 -16.56 19.55 -35.14
C ALA B 61 -17.46 20.23 -34.11
N PRO B 62 -18.73 20.47 -34.45
CA PRO B 62 -19.65 21.06 -33.47
C PRO B 62 -20.09 20.03 -32.44
N MET B 63 -19.94 20.38 -31.15
CA MET B 63 -20.31 19.44 -30.12
C MET B 63 -20.28 20.20 -28.80
N THR B 64 -21.27 19.93 -27.95
CA THR B 64 -21.33 20.49 -26.61
C THR B 64 -20.65 19.52 -25.66
N VAL B 65 -19.55 19.97 -25.07
CA VAL B 65 -18.68 19.13 -24.24
C VAL B 65 -19.29 19.07 -22.85
N PRO B 66 -19.58 17.89 -22.32
CA PRO B 66 -19.92 17.78 -20.89
C PRO B 66 -18.71 18.10 -20.03
N HIS B 67 -18.99 18.61 -18.82
CA HIS B 67 -17.90 19.12 -17.98
C HIS B 67 -16.87 18.04 -17.64
N TYR B 68 -17.31 16.82 -17.32
CA TYR B 68 -16.33 15.79 -16.96
C TYR B 68 -15.38 15.42 -18.10
N LEU B 69 -15.63 15.90 -19.31
CA LEU B 69 -14.77 15.63 -20.46
C LEU B 69 -14.10 16.88 -20.97
N SER B 70 -14.29 18.04 -20.33
CA SER B 70 -13.77 19.32 -20.85
C SER B 70 -12.26 19.41 -20.78
N PHE B 71 -11.57 18.55 -20.03
CA PHE B 71 -10.11 18.59 -20.00
C PHE B 71 -9.50 18.17 -21.34
N LEU B 72 -10.27 17.53 -22.20
CA LEU B 72 -9.67 16.89 -23.37
C LEU B 72 -9.55 17.79 -24.60
N PRO B 73 -10.57 18.58 -24.96
CA PRO B 73 -10.46 19.42 -26.16
C PRO B 73 -9.52 20.59 -25.94
N GLN B 74 -8.90 21.03 -26.98
CA GLN B 74 -8.14 22.27 -26.91
C GLN B 74 -8.94 23.40 -27.57
N PRO B 75 -8.67 24.67 -27.22
CA PRO B 75 -9.56 25.75 -27.66
C PRO B 75 -9.75 25.74 -29.16
N GLY B 76 -11.02 25.84 -29.57
CA GLY B 76 -11.39 25.92 -30.97
C GLY B 76 -11.44 24.61 -31.71
N GLU B 77 -11.10 23.50 -31.05
CA GLU B 77 -11.32 22.19 -31.68
C GLU B 77 -12.79 21.85 -31.84
N LEU B 78 -13.62 22.18 -30.86
CA LEU B 78 -15.05 21.89 -30.91
C LEU B 78 -15.80 23.22 -30.85
N THR B 79 -16.86 23.34 -31.65
CA THR B 79 -17.57 24.59 -31.80
C THR B 79 -19.04 24.44 -31.39
N ALA B 80 -19.69 25.60 -31.27
CA ALA B 80 -21.12 25.68 -31.07
C ALA B 80 -21.82 25.04 -32.27
N PRO B 81 -23.11 24.71 -32.14
CA PRO B 81 -23.83 24.10 -33.26
C PRO B 81 -23.75 24.95 -34.53
N LEU B 82 -23.69 24.27 -35.66
CA LEU B 82 -23.52 24.94 -36.94
C LEU B 82 -24.79 25.67 -37.33
N GLU B 83 -24.66 26.99 -37.55
CA GLU B 83 -25.76 27.79 -38.08
C GLU B 83 -26.25 27.22 -39.40
N SER B 84 -25.32 26.92 -40.31
CA SER B 84 -25.65 26.46 -41.64
C SER B 84 -24.51 25.59 -42.14
N TRP B 85 -24.79 24.80 -43.15
CA TRP B 85 -23.78 23.93 -43.74
C TRP B 85 -22.82 24.71 -44.66
N PRO B 86 -21.51 24.50 -44.53
CA PRO B 86 -20.56 25.12 -45.47
C PRO B 86 -20.71 24.51 -46.85
N GLN B 87 -20.37 25.30 -47.89
CA GLN B 87 -20.42 24.81 -49.26
C GLN B 87 -19.42 23.69 -49.47
N GLY B 88 -19.83 22.65 -50.20
CA GLY B 88 -18.93 21.55 -50.45
C GLY B 88 -18.57 20.71 -49.23
N ALA B 89 -19.42 20.69 -48.21
CA ALA B 89 -19.10 19.96 -47.00
C ALA B 89 -19.33 18.46 -47.17
N LEU B 90 -18.53 17.67 -46.44
CA LEU B 90 -18.79 16.25 -46.20
C LEU B 90 -19.08 16.04 -44.72
N ALA B 91 -19.99 15.12 -44.42
CA ALA B 91 -20.40 14.86 -43.06
C ALA B 91 -19.85 13.49 -42.65
N ALA B 92 -19.07 13.47 -41.56
CA ALA B 92 -18.52 12.23 -41.04
C ALA B 92 -19.16 12.00 -39.68
N VAL B 93 -20.04 11.01 -39.64
CA VAL B 93 -20.93 10.78 -38.50
C VAL B 93 -20.41 9.55 -37.78
N LEU B 94 -20.18 9.66 -36.45
CA LEU B 94 -19.46 8.64 -35.70
C LEU B 94 -20.24 8.27 -34.45
N ASP B 95 -20.24 6.98 -34.08
CA ASP B 95 -20.92 6.55 -32.87
C ASP B 95 -22.43 6.77 -32.85
N VAL B 96 -23.07 6.91 -34.01
CA VAL B 96 -24.50 7.16 -34.17
C VAL B 96 -24.84 6.92 -35.64
N ASP B 97 -26.12 6.65 -35.91
CA ASP B 97 -26.59 6.43 -37.27
C ASP B 97 -26.88 7.76 -37.95
N ASN B 98 -26.28 7.97 -39.14
CA ASN B 98 -26.58 9.16 -39.94
C ASN B 98 -28.04 9.21 -40.40
N ASN B 99 -28.71 8.06 -40.51
CA ASN B 99 -30.13 7.96 -40.90
C ASN B 99 -31.07 8.30 -39.77
N ASP B 100 -30.54 8.73 -38.64
CA ASP B 100 -31.28 9.24 -37.49
C ASP B 100 -30.88 10.67 -37.17
N PRO B 101 -31.24 11.64 -38.02
CA PRO B 101 -30.75 13.01 -37.82
C PRO B 101 -31.09 13.56 -36.45
N VAL B 102 -32.21 13.12 -35.87
CA VAL B 102 -32.64 13.72 -34.61
C VAL B 102 -31.66 13.36 -33.52
N ARG B 103 -30.90 12.29 -33.71
CA ARG B 103 -29.93 11.88 -32.72
C ARG B 103 -28.54 12.44 -32.99
N VAL B 104 -28.34 13.08 -34.14
CA VAL B 104 -27.04 13.63 -34.51
C VAL B 104 -27.02 15.09 -34.08
N ALA B 105 -26.06 15.46 -33.24
CA ALA B 105 -26.02 16.81 -32.67
C ALA B 105 -24.95 17.67 -33.33
N GLY B 106 -25.19 18.99 -33.33
CA GLY B 106 -24.24 19.98 -33.80
C GLY B 106 -24.52 20.49 -35.21
N ALA B 107 -25.20 19.68 -36.02
CA ALA B 107 -25.65 20.09 -37.34
C ALA B 107 -26.90 19.31 -37.68
N ASP B 108 -27.73 19.90 -38.53
CA ASP B 108 -29.02 19.33 -38.93
C ASP B 108 -28.83 18.58 -40.24
N LEU B 109 -28.74 17.24 -40.17
CA LEU B 109 -28.52 16.46 -41.38
C LEU B 109 -29.71 16.51 -42.33
N THR B 110 -30.91 16.83 -41.85
CA THR B 110 -32.05 16.94 -42.76
C THR B 110 -31.99 18.15 -43.69
N GLN B 111 -31.00 19.03 -43.53
CA GLN B 111 -30.82 20.18 -44.43
C GLN B 111 -29.58 20.07 -45.29
N PHE B 112 -29.00 18.88 -45.40
CA PHE B 112 -27.72 18.72 -46.06
C PHE B 112 -27.87 17.74 -47.22
N ASP B 113 -27.24 18.04 -48.39
CA ASP B 113 -27.23 17.05 -49.47
C ASP B 113 -25.84 16.71 -50.01
N GLY B 114 -24.79 16.86 -49.20
CA GLY B 114 -23.49 16.42 -49.65
C GLY B 114 -23.22 14.99 -49.26
N PRO B 115 -21.99 14.55 -49.52
CA PRO B 115 -21.62 13.16 -49.20
C PRO B 115 -21.63 12.96 -47.70
N VAL B 116 -22.00 11.76 -47.28
CA VAL B 116 -22.11 11.43 -45.88
C VAL B 116 -21.39 10.12 -45.64
N VAL B 117 -20.59 10.09 -44.59
CA VAL B 117 -19.78 8.93 -44.27
C VAL B 117 -20.09 8.53 -42.83
N ASN B 118 -20.04 7.23 -42.52
CA ASN B 118 -20.51 6.83 -41.20
C ASN B 118 -19.63 5.73 -40.59
N VAL B 119 -19.40 5.83 -39.28
CA VAL B 119 -18.63 4.83 -38.54
C VAL B 119 -19.37 4.59 -37.22
N ASP B 120 -19.86 3.37 -36.99
CA ASP B 120 -20.79 3.13 -35.89
C ASP B 120 -20.65 1.69 -35.42
N HIS B 121 -20.91 1.46 -34.14
CA HIS B 121 -20.95 0.09 -33.61
C HIS B 121 -22.30 -0.30 -33.00
N HIS B 122 -23.41 0.27 -33.49
CA HIS B 122 -24.75 -0.05 -33.01
C HIS B 122 -25.51 -0.88 -34.02
N GLY B 123 -26.01 -2.04 -33.59
CA GLY B 123 -26.72 -2.93 -34.48
C GLY B 123 -27.99 -2.33 -35.09
N THR B 124 -28.56 -1.32 -34.45
CA THR B 124 -29.80 -0.66 -34.98
C THR B 124 -29.53 0.14 -36.27
N ASN B 125 -28.28 0.40 -36.62
CA ASN B 125 -27.93 1.26 -37.78
C ASN B 125 -28.56 0.75 -39.07
N LEU B 126 -29.08 1.65 -39.89
CA LEU B 126 -29.74 1.28 -41.18
C LEU B 126 -28.70 0.87 -42.21
N ARG B 127 -27.43 1.20 -42.00
CA ARG B 127 -26.33 0.87 -42.95
C ARG B 127 -26.60 1.55 -44.30
N ARG B 128 -26.81 2.86 -44.29
CA ARG B 128 -27.07 3.61 -45.54
C ARG B 128 -26.23 4.89 -45.47
N ALA B 129 -25.22 4.97 -46.33
CA ALA B 129 -24.37 6.18 -46.41
C ALA B 129 -23.57 6.10 -47.70
N ASP B 130 -23.01 7.22 -48.14
CA ASP B 130 -22.15 7.16 -49.31
C ASP B 130 -20.96 6.23 -49.09
N ALA B 131 -20.46 6.17 -47.86
CA ALA B 131 -19.47 5.18 -47.49
C ALA B 131 -19.64 4.96 -46.01
N GLY B 132 -19.66 3.69 -45.58
CA GLY B 132 -19.94 3.42 -44.18
C GLY B 132 -19.44 2.10 -43.66
N VAL B 133 -19.20 2.03 -42.36
CA VAL B 133 -18.77 0.76 -41.71
C VAL B 133 -19.53 0.67 -40.39
N VAL B 134 -20.29 -0.42 -40.22
CA VAL B 134 -21.03 -0.65 -38.95
C VAL B 134 -20.61 -2.03 -38.43
N ASP B 135 -20.15 -2.09 -37.19
CA ASP B 135 -19.68 -3.37 -36.67
C ASP B 135 -20.05 -3.49 -35.20
N PRO B 136 -21.20 -4.09 -34.88
CA PRO B 136 -21.58 -4.26 -33.47
C PRO B 136 -20.64 -5.15 -32.67
N SER B 137 -19.77 -5.94 -33.29
CA SER B 137 -18.86 -6.73 -32.46
C SER B 137 -17.70 -5.93 -31.88
N LYS B 138 -17.44 -4.70 -32.39
CA LYS B 138 -16.44 -3.86 -31.72
C LYS B 138 -17.12 -3.10 -30.58
N PRO B 139 -16.48 -3.02 -29.40
CA PRO B 139 -17.15 -2.40 -28.26
C PRO B 139 -16.98 -0.90 -28.16
N ALA B 140 -16.33 -0.24 -29.12
CA ALA B 140 -16.26 1.22 -29.15
C ALA B 140 -16.07 1.68 -30.58
N ALA B 141 -16.78 2.76 -30.97
CA ALA B 141 -16.50 3.37 -32.26
C ALA B 141 -15.03 3.77 -32.39
N ALA B 142 -14.42 4.18 -31.26
CA ALA B 142 -13.00 4.58 -31.30
C ALA B 142 -12.09 3.53 -31.92
N MET B 143 -12.39 2.22 -31.74
CA MET B 143 -11.62 1.11 -32.30
C MET B 143 -11.65 1.13 -33.82
N MET B 144 -12.86 1.24 -34.34
CA MET B 144 -13.19 1.43 -35.74
C MET B 144 -12.55 2.72 -36.26
N VAL B 145 -12.60 3.86 -35.51
CA VAL B 145 -12.00 5.08 -36.02
C VAL B 145 -10.50 4.93 -36.11
N ALA B 146 -9.89 4.18 -35.17
CA ALA B 146 -8.47 3.89 -35.26
C ALA B 146 -8.13 3.17 -36.56
N ASP B 147 -8.97 2.22 -36.98
CA ASP B 147 -8.72 1.48 -38.22
C ASP B 147 -8.87 2.39 -39.44
N VAL B 148 -9.80 3.35 -39.36
CA VAL B 148 -9.96 4.34 -40.42
C VAL B 148 -8.70 5.20 -40.52
N ILE B 149 -8.19 5.65 -39.38
CA ILE B 149 -7.00 6.49 -39.36
C ILE B 149 -5.80 5.77 -39.94
N ASP B 150 -5.67 4.47 -39.67
CA ASP B 150 -4.60 3.73 -40.32
C ASP B 150 -4.83 3.73 -41.82
N ALA B 151 -6.10 3.60 -42.24
CA ALA B 151 -6.44 3.52 -43.66
C ALA B 151 -6.30 4.87 -44.34
N LEU B 152 -6.28 5.95 -43.55
CA LEU B 152 -6.04 7.28 -44.07
C LEU B 152 -4.58 7.50 -44.41
N GLY B 153 -3.71 6.58 -44.03
CA GLY B 153 -2.28 6.81 -44.20
C GLY B 153 -1.54 6.93 -42.87
N ALA B 154 -2.20 6.53 -41.77
CA ALA B 154 -1.56 6.50 -40.46
C ALA B 154 -0.92 7.81 -40.01
N PRO B 155 -1.67 8.96 -40.00
CA PRO B 155 -1.14 10.20 -39.41
C PRO B 155 -1.06 10.20 -37.88
N TRP B 156 -0.41 9.18 -37.30
CA TRP B 156 -0.48 9.01 -35.86
C TRP B 156 0.35 10.01 -35.10
N SER B 157 -0.14 10.34 -33.90
CA SER B 157 0.58 11.14 -32.92
C SER B 157 -0.11 10.89 -31.59
N GLU B 158 0.53 11.31 -30.49
CA GLU B 158 -0.11 11.21 -29.19
C GLU B 158 -1.45 11.93 -29.17
N ALA B 159 -1.55 13.10 -29.80
CA ALA B 159 -2.80 13.86 -29.73
C ALA B 159 -3.93 13.13 -30.42
N VAL B 160 -3.63 12.31 -31.43
CA VAL B 160 -4.65 11.49 -32.06
C VAL B 160 -5.01 10.28 -31.20
N ALA B 161 -3.99 9.66 -30.60
CA ALA B 161 -4.17 8.38 -29.91
C ALA B 161 -4.93 8.55 -28.60
N THR B 162 -4.60 9.59 -27.86
CA THR B 162 -5.14 9.76 -26.51
C THR B 162 -6.66 9.82 -26.49
N PRO B 163 -7.32 10.67 -27.29
CA PRO B 163 -8.80 10.68 -27.26
C PRO B 163 -9.42 9.37 -27.68
N LEU B 164 -8.80 8.64 -28.61
CA LEU B 164 -9.31 7.34 -28.97
C LEU B 164 -9.21 6.32 -27.84
N MET B 165 -8.12 6.38 -27.06
CA MET B 165 -7.98 5.50 -25.90
C MET B 165 -9.05 5.83 -24.88
N LEU B 166 -9.38 7.12 -24.76
CA LEU B 166 -10.39 7.53 -23.79
C LEU B 166 -11.75 6.92 -24.14
N GLY B 167 -12.12 6.92 -25.42
CA GLY B 167 -13.37 6.31 -25.84
C GLY B 167 -13.37 4.79 -25.72
N LEU B 168 -12.21 4.16 -25.96
CA LEU B 168 -12.06 2.73 -25.71
C LEU B 168 -12.30 2.43 -24.24
N ASN B 169 -11.73 3.25 -23.35
CA ASN B 169 -11.90 3.13 -21.90
C ASN B 169 -13.38 3.19 -21.53
N THR B 170 -14.01 4.36 -21.79
CA THR B 170 -15.36 4.60 -21.26
C THR B 170 -16.39 3.64 -21.84
N ASP B 171 -16.25 3.26 -23.12
CA ASP B 171 -17.22 2.37 -23.72
C ASP B 171 -17.08 0.92 -23.28
N THR B 172 -15.91 0.51 -22.73
CA THR B 172 -15.72 -0.83 -22.18
C THR B 172 -15.68 -0.85 -20.65
N GLY B 173 -16.04 0.25 -20.00
CA GLY B 173 -15.87 0.41 -18.57
C GLY B 173 -14.50 0.03 -18.04
N ASN B 174 -13.43 0.58 -18.64
CA ASN B 174 -12.05 0.23 -18.27
C ASN B 174 -11.77 -1.26 -18.47
N PHE B 175 -12.21 -1.78 -19.61
CA PHE B 175 -11.92 -3.15 -20.03
C PHE B 175 -12.54 -4.17 -19.08
N ALA B 176 -13.70 -3.82 -18.48
CA ALA B 176 -14.40 -4.68 -17.53
C ALA B 176 -15.58 -5.44 -18.13
N PHE B 177 -16.25 -4.90 -19.16
CA PHE B 177 -17.41 -5.55 -19.73
C PHE B 177 -17.02 -6.81 -20.52
N ASP B 178 -17.99 -7.72 -20.66
CA ASP B 178 -17.75 -8.95 -21.43
C ASP B 178 -17.67 -8.70 -22.93
N SER B 179 -17.99 -7.48 -23.38
CA SER B 179 -17.77 -7.10 -24.78
C SER B 179 -16.28 -6.99 -25.12
N VAL B 180 -15.40 -6.94 -24.12
CA VAL B 180 -13.97 -6.83 -24.35
C VAL B 180 -13.45 -8.14 -24.94
N SER B 181 -12.97 -8.10 -26.18
CA SER B 181 -12.33 -9.22 -26.86
C SER B 181 -10.81 -9.05 -26.86
N ALA B 182 -10.10 -10.10 -27.30
CA ALA B 182 -8.65 -9.98 -27.50
C ALA B 182 -8.33 -8.84 -28.46
N GLU B 183 -9.20 -8.63 -29.45
CA GLU B 183 -8.99 -7.55 -30.42
C GLU B 183 -9.16 -6.18 -29.77
N THR B 184 -9.99 -6.09 -28.74
CA THR B 184 -10.08 -4.84 -28.00
C THR B 184 -8.75 -4.51 -27.35
N PHE B 185 -8.09 -5.51 -26.75
CA PHE B 185 -6.84 -5.27 -26.04
C PHE B 185 -5.72 -4.96 -27.03
N GLU B 186 -5.73 -5.64 -28.18
CA GLU B 186 -4.74 -5.33 -29.21
C GLU B 186 -4.87 -3.90 -29.70
N CYS B 187 -6.11 -3.40 -29.80
CA CYS B 187 -6.27 -2.03 -30.24
C CYS B 187 -5.71 -1.09 -29.18
N ALA B 188 -5.94 -1.40 -27.90
CA ALA B 188 -5.38 -0.56 -26.85
C ALA B 188 -3.85 -0.59 -26.88
N ALA B 189 -3.27 -1.75 -27.19
CA ALA B 189 -1.81 -1.85 -27.30
C ALA B 189 -1.29 -0.95 -28.42
N ARG B 190 -1.96 -0.95 -29.58
CA ARG B 190 -1.57 -0.07 -30.67
C ARG B 190 -1.66 1.39 -30.25
N LEU B 191 -2.79 1.76 -29.65
CA LEU B 191 -2.96 3.15 -29.21
C LEU B 191 -1.88 3.58 -28.23
N ARG B 192 -1.50 2.72 -27.29
CA ARG B 192 -0.45 3.06 -26.33
C ARG B 192 0.90 3.22 -27.02
N ALA B 193 1.22 2.36 -27.99
CA ALA B 193 2.45 2.51 -28.75
C ALA B 193 2.48 3.82 -29.54
N HIS B 194 1.33 4.24 -30.05
CA HIS B 194 1.24 5.55 -30.70
C HIS B 194 1.39 6.71 -29.72
N GLY B 195 1.32 6.46 -28.41
CA GLY B 195 1.49 7.56 -27.48
C GLY B 195 0.33 7.93 -26.57
N ALA B 196 -0.79 7.21 -26.64
CA ALA B 196 -1.94 7.55 -25.81
C ALA B 196 -1.55 7.62 -24.35
N ARG B 197 -1.95 8.69 -23.68
CA ARG B 197 -1.53 8.94 -22.29
C ARG B 197 -2.51 8.31 -21.31
N ILE B 198 -2.32 7.01 -21.05
CA ILE B 198 -3.32 6.32 -20.23
C ILE B 198 -3.36 6.86 -18.81
N GLY B 199 -2.21 7.12 -18.23
CA GLY B 199 -2.17 7.57 -16.84
C GLY B 199 -2.87 8.91 -16.66
N TRP B 200 -2.53 9.85 -17.52
CA TRP B 200 -3.16 11.17 -17.49
C TRP B 200 -4.66 11.08 -17.72
N LEU B 201 -5.08 10.23 -18.67
CA LEU B 201 -6.49 10.05 -18.94
C LEU B 201 -7.25 9.69 -17.67
N ASN B 202 -6.72 8.72 -16.91
CA ASN B 202 -7.46 8.26 -15.75
C ASN B 202 -7.34 9.19 -14.56
N ASP B 203 -6.22 9.91 -14.39
CA ASP B 203 -6.21 11.01 -13.40
C ASP B 203 -7.29 12.03 -13.68
N GLN B 204 -7.49 12.37 -14.95
CA GLN B 204 -8.55 13.31 -15.30
C GLN B 204 -9.95 12.73 -15.12
N MET B 205 -10.15 11.46 -15.43
CA MET B 205 -11.48 10.85 -15.36
C MET B 205 -11.92 10.51 -13.94
N ARG B 206 -10.98 10.44 -12.98
CA ARG B 206 -11.29 10.23 -11.57
C ARG B 206 -11.82 11.49 -10.88
N GLN B 207 -11.63 12.67 -11.45
CA GLN B 207 -12.09 13.93 -10.80
C GLN B 207 -13.63 13.93 -10.67
N ASN B 208 -14.16 14.35 -9.52
CA ASN B 208 -15.63 14.45 -9.28
C ASN B 208 -16.01 15.80 -8.63
N PRO B 209 -17.14 16.46 -9.02
CA PRO B 209 -17.50 17.77 -8.45
C PRO B 209 -18.04 17.54 -7.06
N GLN B 210 -18.10 18.60 -6.29
CA GLN B 210 -18.72 18.49 -4.98
C GLN B 210 -20.13 17.94 -5.10
N SER B 211 -20.83 18.31 -6.18
CA SER B 211 -22.17 17.81 -6.44
C SER B 211 -22.24 16.30 -6.30
N TYR B 212 -21.24 15.61 -6.86
CA TYR B 212 -21.23 14.14 -6.85
C TYR B 212 -21.27 13.58 -5.45
N TYR B 213 -20.47 14.14 -4.54
CA TYR B 213 -20.41 13.59 -3.19
C TYR B 213 -21.67 13.91 -2.41
N LEU B 214 -22.10 15.17 -2.49
CA LEU B 214 -23.29 15.62 -1.77
C LEU B 214 -24.52 14.86 -2.24
N LEU B 215 -24.61 14.60 -3.56
CA LEU B 215 -25.74 13.86 -4.10
C LEU B 215 -25.65 12.38 -3.75
N LEU B 216 -24.43 11.84 -3.65
CA LEU B 216 -24.28 10.45 -3.26
C LEU B 216 -24.58 10.25 -1.77
N ARG B 217 -24.38 11.29 -0.95
CA ARG B 217 -24.86 11.22 0.42
C ARG B 217 -26.38 11.12 0.44
N GLU B 218 -27.06 11.86 -0.43
CA GLU B 218 -28.52 11.81 -0.54
C GLU B 218 -28.98 10.45 -1.06
N VAL B 219 -28.47 10.05 -2.23
CA VAL B 219 -28.84 8.78 -2.86
C VAL B 219 -28.75 7.64 -1.86
N LEU B 220 -27.67 7.59 -1.10
CA LEU B 220 -27.52 6.57 -0.07
C LEU B 220 -28.48 6.78 1.09
N GLY B 221 -28.97 7.99 1.28
CA GLY B 221 -29.92 8.26 2.38
C GLY B 221 -31.24 7.54 2.16
N LYS B 222 -31.65 7.36 0.91
CA LYS B 222 -32.93 6.69 0.56
C LYS B 222 -32.68 5.25 0.15
N LEU B 223 -31.59 4.66 0.62
CA LEU B 223 -31.22 3.29 0.20
C LEU B 223 -31.75 2.29 1.23
N GLU B 224 -32.26 1.15 0.76
CA GLU B 224 -32.73 0.09 1.69
C GLU B 224 -32.46 -1.29 1.11
N PHE B 225 -31.99 -2.21 1.95
CA PHE B 225 -31.75 -3.59 1.49
C PHE B 225 -33.01 -4.37 1.85
N LEU B 226 -33.96 -4.40 0.91
CA LEU B 226 -35.27 -4.97 1.13
C LEU B 226 -35.36 -6.36 0.50
N HIS B 227 -36.58 -6.87 0.32
CA HIS B 227 -36.84 -8.25 -0.09
C HIS B 227 -35.99 -9.24 0.71
N GLY B 228 -35.97 -9.08 2.02
CA GLY B 228 -35.20 -9.94 2.89
C GLY B 228 -33.70 -9.93 2.72
N GLY B 229 -33.17 -9.23 1.73
CA GLY B 229 -31.73 -9.16 1.56
C GLY B 229 -31.27 -9.28 0.11
N ARG B 230 -32.22 -9.50 -0.81
CA ARG B 230 -31.87 -9.78 -2.19
C ARG B 230 -32.26 -8.67 -3.16
N VAL B 231 -32.85 -7.58 -2.65
CA VAL B 231 -33.18 -6.44 -3.56
C VAL B 231 -32.82 -5.13 -2.87
N VAL B 232 -32.22 -4.21 -3.63
CA VAL B 232 -31.88 -2.88 -3.06
C VAL B 232 -32.70 -1.82 -3.80
N GLN B 233 -33.10 -0.78 -3.09
CA GLN B 233 -33.96 0.26 -3.72
C GLN B 233 -33.53 1.64 -3.24
N THR B 234 -33.45 2.60 -4.16
CA THR B 234 -33.11 3.97 -3.78
C THR B 234 -34.00 4.96 -4.55
N ARG B 235 -33.88 6.25 -4.18
CA ARG B 235 -34.86 7.26 -4.57
C ARG B 235 -34.25 8.65 -4.48
N VAL B 236 -34.66 9.52 -5.40
CA VAL B 236 -34.11 10.88 -5.54
C VAL B 236 -35.24 11.85 -5.87
N ASP B 237 -35.37 12.92 -5.10
CA ASP B 237 -36.31 13.99 -5.43
C ASP B 237 -35.55 15.28 -5.76
N GLU B 238 -36.30 16.31 -6.17
CA GLU B 238 -35.67 17.58 -6.61
C GLU B 238 -35.18 18.39 -5.40
N GLU B 239 -35.74 18.15 -4.22
CA GLU B 239 -35.20 18.83 -3.02
C GLU B 239 -33.79 18.29 -2.80
N MET B 240 -33.65 16.96 -2.86
CA MET B 240 -32.33 16.33 -2.67
C MET B 240 -31.37 16.88 -3.72
N LEU B 241 -31.86 17.09 -4.95
CA LEU B 241 -30.99 17.66 -5.97
C LEU B 241 -30.64 19.09 -5.60
N ALA B 242 -31.57 19.82 -4.99
CA ALA B 242 -31.29 21.22 -4.63
C ALA B 242 -30.32 21.30 -3.45
N ARG B 243 -30.38 20.34 -2.53
CA ARG B 243 -29.48 20.36 -1.39
C ARG B 243 -28.08 19.91 -1.77
N ALA B 244 -27.95 19.04 -2.78
CA ALA B 244 -26.63 18.63 -3.23
C ALA B 244 -26.01 19.65 -4.16
N GLY B 245 -26.82 20.47 -4.83
CA GLY B 245 -26.29 21.35 -5.86
C GLY B 245 -26.05 20.64 -7.17
N ALA B 246 -26.86 19.62 -7.49
CA ALA B 246 -26.64 18.84 -8.72
C ALA B 246 -27.82 18.91 -9.70
N THR B 247 -27.73 18.16 -10.81
CA THR B 247 -28.79 18.15 -11.85
C THR B 247 -29.33 16.72 -12.03
N TRP B 248 -30.38 16.56 -12.84
CA TRP B 248 -31.00 15.21 -13.02
C TRP B 248 -30.07 14.32 -13.85
N GLU B 249 -29.22 14.93 -14.68
CA GLU B 249 -28.31 14.14 -15.56
C GLU B 249 -27.08 13.71 -14.77
N GLN B 250 -27.16 13.74 -13.43
CA GLN B 250 -26.05 13.27 -12.57
C GLN B 250 -26.56 12.06 -11.78
N VAL B 251 -27.88 11.86 -11.75
CA VAL B 251 -28.46 10.68 -11.07
C VAL B 251 -28.15 9.42 -11.88
N GLU B 252 -27.57 9.59 -13.08
CA GLU B 252 -27.27 8.41 -13.94
C GLU B 252 -25.85 7.92 -13.69
N ASN B 253 -25.39 8.05 -12.46
CA ASN B 253 -24.02 7.60 -12.10
C ASN B 253 -24.11 6.79 -10.81
N TYR B 254 -25.32 6.41 -10.40
CA TYR B 254 -25.47 5.73 -9.08
C TYR B 254 -26.17 4.38 -9.22
N VAL B 255 -26.82 4.11 -10.35
CA VAL B 255 -27.57 2.82 -10.45
C VAL B 255 -26.52 1.72 -10.68
N SER B 256 -25.41 2.08 -11.29
CA SER B 256 -24.34 1.12 -11.56
C SER B 256 -23.68 0.62 -10.28
N MET B 257 -23.49 1.54 -9.33
CA MET B 257 -22.86 1.22 -8.02
C MET B 257 -23.80 0.35 -7.18
N LEU B 258 -25.11 0.51 -7.37
CA LEU B 258 -26.07 -0.25 -6.55
C LEU B 258 -26.21 -1.66 -7.12
N ARG B 259 -26.02 -1.82 -8.43
CA ARG B 259 -26.05 -3.22 -8.95
C ARG B 259 -24.94 -4.01 -8.28
N ASN B 260 -23.90 -3.33 -7.80
CA ASN B 260 -22.69 -4.00 -7.25
C ASN B 260 -22.91 -4.57 -5.84
N ALA B 261 -24.13 -4.58 -5.32
CA ALA B 261 -24.34 -5.01 -3.93
C ALA B 261 -24.37 -6.53 -3.82
N GLU B 262 -23.97 -7.07 -2.68
CA GLU B 262 -23.86 -8.55 -2.51
C GLU B 262 -25.18 -9.18 -2.09
N GLY B 263 -25.25 -10.52 -2.11
CA GLY B 263 -26.45 -11.26 -1.63
C GLY B 263 -27.72 -10.73 -2.23
N ALA B 264 -27.62 -9.96 -3.31
CA ALA B 264 -28.76 -9.30 -3.91
C ALA B 264 -28.92 -9.71 -5.36
N GLN B 265 -30.08 -9.35 -5.91
CA GLN B 265 -30.46 -9.72 -7.27
C GLN B 265 -30.97 -8.55 -8.09
N LEU B 266 -31.35 -7.44 -7.47
CA LEU B 266 -32.08 -6.35 -8.12
C LEU B 266 -31.76 -5.02 -7.45
N ALA B 267 -31.40 -4.03 -8.26
CA ALA B 267 -30.99 -2.72 -7.77
C ALA B 267 -31.80 -1.66 -8.51
N VAL B 268 -32.73 -1.03 -7.80
CA VAL B 268 -33.74 -0.16 -8.40
C VAL B 268 -33.43 1.29 -8.06
N MET B 269 -33.21 2.10 -9.09
CA MET B 269 -33.20 3.55 -8.97
C MET B 269 -34.56 4.10 -9.37
N ALA B 270 -35.03 5.10 -8.63
CA ALA B 270 -36.34 5.72 -8.85
C ALA B 270 -36.18 7.23 -8.83
N LYS B 271 -36.25 7.85 -10.00
CA LYS B 271 -36.28 9.31 -10.09
C LYS B 271 -37.70 9.80 -9.84
N ASP B 272 -37.87 10.68 -8.84
CA ASP B 272 -39.18 11.12 -8.37
C ASP B 272 -39.31 12.62 -8.64
N TYR B 273 -39.68 12.95 -9.89
CA TYR B 273 -39.86 14.35 -10.26
C TYR B 273 -40.92 15.02 -9.40
N GLY B 274 -41.92 14.26 -8.95
CA GLY B 274 -43.03 14.79 -8.18
C GLY B 274 -44.37 14.36 -8.74
N ASP B 275 -44.56 14.57 -10.04
CA ASP B 275 -45.78 14.19 -10.72
C ASP B 275 -45.65 12.91 -11.55
N ARG B 276 -44.50 12.24 -11.47
CA ARG B 276 -44.32 10.95 -12.12
C ARG B 276 -43.09 10.30 -11.50
N VAL B 277 -43.00 8.98 -11.61
CA VAL B 277 -41.81 8.24 -11.21
C VAL B 277 -41.15 7.68 -12.46
N LYS B 278 -39.83 7.87 -12.57
CA LYS B 278 -39.07 7.46 -13.76
C LYS B 278 -37.95 6.54 -13.27
N PHE B 279 -38.09 5.24 -13.57
CA PHE B 279 -37.29 4.17 -12.96
C PHE B 279 -36.06 3.82 -13.79
N SER B 280 -35.04 3.31 -13.09
CA SER B 280 -33.93 2.59 -13.73
C SER B 280 -33.66 1.37 -12.86
N LEU B 281 -33.95 0.18 -13.38
CA LEU B 281 -33.96 -1.06 -12.59
C LEU B 281 -32.83 -1.98 -13.09
N ARG B 282 -31.68 -1.92 -12.42
CA ARG B 282 -30.58 -2.81 -12.74
C ARG B 282 -30.71 -4.11 -11.95
N SER B 283 -30.05 -5.16 -12.43
CA SER B 283 -30.10 -6.45 -11.76
C SER B 283 -28.87 -7.26 -12.16
N ARG B 284 -28.85 -8.54 -11.76
CA ARG B 284 -27.72 -9.44 -11.93
C ARG B 284 -28.13 -10.83 -11.47
N GLY B 285 -27.67 -11.85 -12.20
CA GLY B 285 -27.93 -13.23 -11.82
C GLY B 285 -29.12 -13.85 -12.54
N PRO B 286 -29.85 -14.73 -11.85
CA PRO B 286 -31.01 -15.37 -12.47
C PRO B 286 -32.27 -14.54 -12.38
N VAL B 287 -32.15 -13.24 -12.67
CA VAL B 287 -33.27 -12.31 -12.64
C VAL B 287 -33.11 -11.35 -13.82
N SER B 288 -34.20 -11.12 -14.54
CA SER B 288 -34.20 -10.23 -15.70
C SER B 288 -34.93 -8.94 -15.38
N ALA B 289 -34.41 -7.84 -15.91
CA ALA B 289 -34.94 -6.51 -15.67
C ALA B 289 -35.70 -5.95 -16.86
N GLN B 290 -35.96 -6.78 -17.87
CA GLN B 290 -36.84 -6.43 -18.98
C GLN B 290 -38.14 -7.21 -18.93
N ASN B 291 -38.29 -8.11 -17.95
CA ASN B 291 -39.52 -8.80 -17.65
C ASN B 291 -40.29 -8.06 -16.57
N ILE B 292 -39.80 -6.86 -16.25
CA ILE B 292 -40.44 -5.89 -15.37
C ILE B 292 -40.65 -4.56 -16.08
N ALA B 293 -39.92 -4.38 -17.17
CA ALA B 293 -40.10 -3.27 -18.05
C ALA B 293 -41.05 -3.60 -19.20
N VAL B 294 -41.43 -4.86 -19.35
CA VAL B 294 -42.52 -5.29 -20.23
C VAL B 294 -43.73 -5.73 -19.42
N ALA B 295 -43.61 -5.77 -18.09
CA ALA B 295 -44.70 -6.06 -17.18
C ALA B 295 -45.28 -4.80 -16.55
N LEU B 296 -44.69 -3.63 -16.84
CA LEU B 296 -45.33 -2.34 -16.56
C LEU B 296 -44.92 -1.33 -17.63
N GLY B 297 -44.47 -1.78 -18.81
CA GLY B 297 -44.27 -0.95 -19.98
C GLY B 297 -42.95 -0.21 -20.10
N GLY B 298 -42.42 -0.13 -21.31
CA GLY B 298 -41.19 0.64 -21.53
C GLY B 298 -40.33 0.27 -22.72
N GLY B 299 -39.02 0.34 -22.53
CA GLY B 299 -38.08 0.00 -23.60
C GLY B 299 -36.67 -0.05 -23.05
N GLY B 300 -35.72 -0.23 -23.97
CA GLY B 300 -34.32 -0.29 -23.59
C GLY B 300 -33.40 -1.20 -24.41
N HIS B 301 -32.50 -1.91 -23.72
CA HIS B 301 -31.62 -2.95 -24.24
C HIS B 301 -32.05 -4.31 -23.69
N VAL B 302 -31.14 -5.29 -23.74
CA VAL B 302 -31.50 -6.64 -23.30
C VAL B 302 -31.56 -6.76 -21.78
N PRO B 303 -30.55 -6.42 -20.97
CA PRO B 303 -30.71 -6.63 -19.53
C PRO B 303 -31.21 -5.40 -18.79
N ALA B 304 -31.30 -4.25 -19.48
CA ALA B 304 -31.59 -2.97 -18.84
C ALA B 304 -33.11 -2.81 -18.70
N ALA B 305 -33.54 -1.58 -18.38
CA ALA B 305 -34.95 -1.33 -18.12
C ALA B 305 -35.23 0.15 -18.39
N GLY B 306 -36.30 0.67 -17.79
CA GLY B 306 -36.72 2.05 -17.95
C GLY B 306 -38.23 2.17 -18.08
N ALA B 307 -38.92 2.48 -16.98
CA ALA B 307 -40.40 2.56 -16.97
C ALA B 307 -40.86 3.84 -16.26
N THR B 308 -41.78 4.60 -16.86
CA THR B 308 -42.30 5.87 -16.26
C THR B 308 -43.70 5.67 -15.70
N VAL B 309 -43.88 5.85 -14.38
CA VAL B 309 -45.23 5.75 -13.74
C VAL B 309 -45.70 7.16 -13.42
N ILE B 310 -46.81 7.60 -13.99
CA ILE B 310 -47.25 9.02 -13.83
C ILE B 310 -47.95 9.23 -12.48
N SER B 311 -47.94 8.23 -11.59
CA SER B 311 -48.55 8.42 -10.24
C SER B 311 -47.58 9.12 -9.28
N SER B 312 -47.92 9.15 -7.99
CA SER B 312 -47.05 9.79 -6.95
C SER B 312 -46.00 8.79 -6.49
N TYR B 313 -45.33 9.06 -5.36
CA TYR B 313 -44.27 8.12 -5.02
C TYR B 313 -44.81 6.81 -4.46
N ALA B 314 -45.51 6.79 -3.34
CA ALA B 314 -45.92 5.48 -2.77
C ALA B 314 -46.47 4.50 -3.83
N GLU B 315 -47.49 4.89 -4.59
CA GLU B 315 -48.16 3.95 -5.54
C GLU B 315 -47.21 3.34 -6.59
N ALA B 316 -46.39 4.17 -7.22
CA ALA B 316 -45.49 3.66 -8.28
C ALA B 316 -44.58 2.58 -7.69
N ARG B 317 -44.08 2.81 -6.48
CA ARG B 317 -43.14 1.84 -5.86
C ARG B 317 -43.86 0.51 -5.64
N ALA B 318 -45.12 0.54 -5.18
CA ALA B 318 -45.92 -0.70 -4.99
C ALA B 318 -46.10 -1.41 -6.33
N ARG B 319 -46.41 -0.66 -7.39
CA ARG B 319 -46.51 -1.29 -8.73
C ARG B 319 -45.21 -2.01 -9.04
N LEU B 320 -44.10 -1.31 -8.82
CA LEU B 320 -42.77 -1.89 -9.14
C LEU B 320 -42.51 -3.15 -8.31
N ASP B 321 -42.85 -3.14 -7.03
CA ASP B 321 -42.61 -4.29 -6.13
C ASP B 321 -43.42 -5.49 -6.62
N ALA B 322 -44.66 -5.24 -7.03
CA ALA B 322 -45.45 -6.35 -7.59
C ALA B 322 -44.80 -6.89 -8.87
N ALA B 323 -44.33 -6.02 -9.77
CA ALA B 323 -43.63 -6.52 -10.99
C ALA B 323 -42.36 -7.31 -10.63
N ILE B 324 -41.70 -6.92 -9.55
CA ILE B 324 -40.47 -7.63 -9.09
C ILE B 324 -40.85 -9.01 -8.55
N GLU B 325 -41.96 -9.12 -7.81
CA GLU B 325 -42.41 -10.46 -7.34
C GLU B 325 -42.80 -11.27 -8.58
N ALA B 326 -43.21 -10.58 -9.64
CA ALA B 326 -43.52 -11.30 -10.90
C ALA B 326 -42.23 -11.87 -11.49
N GLU B 327 -41.16 -11.08 -11.53
CA GLU B 327 -39.86 -11.65 -11.98
C GLU B 327 -39.41 -12.74 -11.00
N LEU B 328 -39.87 -12.66 -9.75
CA LEU B 328 -39.52 -13.68 -8.73
C LEU B 328 -40.16 -15.02 -9.13
N ALA B 329 -41.44 -14.98 -9.52
CA ALA B 329 -42.06 -16.22 -10.02
C ALA B 329 -41.32 -16.63 -11.30
N ARG B 330 -40.93 -15.67 -12.14
CA ARG B 330 -40.14 -16.03 -13.35
C ARG B 330 -38.95 -16.91 -12.93
N VAL B 331 -38.18 -16.48 -11.92
CA VAL B 331 -36.99 -17.26 -11.44
C VAL B 331 -37.42 -18.61 -10.87
N ASP B 332 -38.43 -18.62 -10.00
CA ASP B 332 -38.90 -19.89 -9.36
C ASP B 332 -39.28 -20.89 -10.46
N ALA B 333 -39.64 -20.38 -11.64
CA ALA B 333 -40.07 -21.27 -12.74
C ALA B 333 -38.89 -21.69 -13.62
N GLN B 334 -37.99 -20.77 -13.96
CA GLN B 334 -36.87 -21.10 -14.89
C GLN B 334 -35.68 -21.71 -14.12
N PRO C 9 14.29 21.92 18.51
CA PRO C 9 15.11 22.97 17.88
C PRO C 9 15.94 22.40 16.73
N ASP C 10 17.26 22.34 16.94
CA ASP C 10 18.07 21.51 16.06
C ASP C 10 17.70 20.04 16.17
N TYR C 11 17.19 19.62 17.33
CA TYR C 11 16.66 18.25 17.48
C TYR C 11 15.53 17.98 16.49
N ARG C 12 14.50 18.84 16.51
CA ARG C 12 13.36 18.69 15.60
C ARG C 12 13.81 18.77 14.15
N ARG C 13 14.72 19.70 13.84
CA ARG C 13 15.20 19.83 12.48
C ARG C 13 16.01 18.62 12.04
N ASN C 14 16.78 18.05 12.96
CA ASN C 14 17.60 16.89 12.61
C ASN C 14 16.80 15.58 12.58
N VAL C 15 15.79 15.45 13.44
CA VAL C 15 14.86 14.32 13.28
C VAL C 15 14.26 14.35 11.88
N GLY C 16 13.86 15.55 11.43
CA GLY C 16 13.27 15.70 10.12
C GLY C 16 14.22 15.33 8.99
N ALA C 17 15.51 15.71 9.15
CA ALA C 17 16.48 15.38 8.11
C ALA C 17 16.69 13.87 8.01
N VAL C 18 16.77 13.19 9.16
CA VAL C 18 16.88 11.72 9.16
C VAL C 18 15.67 11.10 8.46
N ALA C 19 14.46 11.52 8.86
CA ALA C 19 13.24 10.95 8.31
C ALA C 19 13.16 11.16 6.81
N ASP C 20 13.51 12.37 6.37
CA ASP C 20 13.48 12.72 4.95
C ASP C 20 14.52 11.95 4.16
N ALA C 21 15.72 11.73 4.73
CA ALA C 21 16.71 10.94 4.01
C ALA C 21 16.23 9.49 3.83
N LEU C 22 15.52 8.97 4.82
CA LEU C 22 14.97 7.61 4.74
C LEU C 22 13.80 7.56 3.77
N LEU C 23 12.88 8.52 3.88
CA LEU C 23 11.76 8.60 2.95
C LEU C 23 12.23 8.66 1.50
N ALA C 24 13.35 9.36 1.24
CA ALA C 24 13.76 9.64 -0.13
C ALA C 24 14.54 8.50 -0.74
N HIS C 25 15.15 7.65 0.08
CA HIS C 25 16.11 6.70 -0.45
C HIS C 25 15.37 5.57 -1.17
N PRO C 26 15.71 5.27 -2.40
CA PRO C 26 14.95 4.27 -3.14
C PRO C 26 15.39 2.82 -2.95
N GLY C 27 16.65 2.58 -2.60
CA GLY C 27 17.17 1.23 -2.52
C GLY C 27 16.99 0.58 -1.16
N PRO C 28 17.68 -0.53 -0.92
CA PRO C 28 17.59 -1.18 0.40
C PRO C 28 18.19 -0.29 1.49
N ILE C 29 17.58 -0.38 2.68
CA ILE C 29 18.09 0.27 3.88
C ILE C 29 18.66 -0.79 4.82
N VAL C 30 19.94 -0.66 5.18
CA VAL C 30 20.61 -1.55 6.13
C VAL C 30 20.60 -0.87 7.49
N VAL C 31 19.90 -1.46 8.46
CA VAL C 31 19.74 -0.85 9.76
C VAL C 31 20.72 -1.57 10.69
N LEU C 32 21.58 -0.81 11.39
CA LEU C 32 22.66 -1.39 12.19
C LEU C 32 22.69 -0.77 13.59
N SER C 33 23.23 -1.52 14.55
CA SER C 33 23.52 -0.95 15.89
C SER C 33 24.83 -1.52 16.41
N HIS C 34 25.04 -1.39 17.73
CA HIS C 34 26.35 -1.68 18.34
C HIS C 34 26.56 -3.16 18.62
N GLU C 35 27.83 -3.57 18.66
CA GLU C 35 28.10 -4.98 18.95
C GLU C 35 27.63 -5.28 20.37
N ASN C 36 27.41 -6.56 20.66
CA ASN C 36 26.69 -6.99 21.85
C ASN C 36 25.47 -6.11 22.11
N PRO C 37 24.47 -6.17 21.23
CA PRO C 37 23.32 -5.28 21.36
C PRO C 37 22.57 -5.52 22.65
N ASP C 38 22.16 -4.43 23.26
CA ASP C 38 21.28 -4.43 24.41
C ASP C 38 19.84 -4.24 23.95
N GLY C 39 18.92 -4.08 24.89
CA GLY C 39 17.52 -3.93 24.53
C GLY C 39 17.26 -2.67 23.72
N ASP C 40 18.02 -1.62 23.98
CA ASP C 40 17.91 -0.38 23.22
C ASP C 40 18.37 -0.57 21.78
N ALA C 41 19.46 -1.28 21.57
CA ALA C 41 19.97 -1.47 20.21
C ALA C 41 19.00 -2.33 19.41
N LEU C 42 18.67 -3.50 19.95
CA LEU C 42 17.76 -4.42 19.29
C LEU C 42 16.36 -3.82 19.17
N GLY C 43 15.89 -3.17 20.24
CA GLY C 43 14.58 -2.56 20.18
C GLY C 43 14.50 -1.47 19.13
N SER C 44 15.54 -0.62 19.07
CA SER C 44 15.55 0.50 18.15
C SER C 44 15.59 0.00 16.72
N VAL C 45 16.36 -1.06 16.50
CA VAL C 45 16.53 -1.58 15.16
C VAL C 45 15.21 -2.21 14.70
N LEU C 46 14.57 -3.00 15.57
CA LEU C 46 13.31 -3.65 15.20
C LEU C 46 12.19 -2.64 14.96
N GLY C 47 12.08 -1.64 15.85
CA GLY C 47 11.02 -0.65 15.69
C GLY C 47 11.13 0.13 14.39
N LEU C 48 12.33 0.64 14.10
CA LEU C 48 12.57 1.32 12.82
C LEU C 48 12.37 0.39 11.63
N SER C 49 12.88 -0.84 11.74
CA SER C 49 12.76 -1.79 10.64
C SER C 49 11.30 -2.03 10.31
N ARG C 50 10.47 -2.25 11.34
CA ARG C 50 9.07 -2.56 11.11
C ARG C 50 8.33 -1.34 10.56
N ALA C 51 8.72 -0.14 11.00
CA ALA C 51 8.09 1.07 10.47
C ALA C 51 8.44 1.28 9.00
N LEU C 52 9.70 1.13 8.66
CA LEU C 52 10.12 1.36 7.26
C LEU C 52 9.42 0.33 6.36
N ARG C 53 9.21 -0.90 6.85
CA ARG C 53 8.60 -1.97 6.04
C ARG C 53 7.11 -1.69 5.81
N THR C 54 6.41 -1.20 6.84
CA THR C 54 4.99 -0.82 6.69
C THR C 54 4.87 0.27 5.62
N LEU C 55 5.96 1.00 5.37
CA LEU C 55 5.97 2.07 4.33
C LEU C 55 6.46 1.53 2.97
N GLY C 56 6.83 0.24 2.85
CA GLY C 56 7.22 -0.30 1.57
C GLY C 56 8.71 -0.35 1.30
N LYS C 57 9.56 0.05 2.26
CA LYS C 57 11.00 -0.05 2.08
C LYS C 57 11.49 -1.50 2.25
N THR C 58 12.60 -1.81 1.58
CA THR C 58 13.34 -3.06 1.80
C THR C 58 14.42 -2.80 2.85
N VAL C 59 14.46 -3.64 3.87
CA VAL C 59 15.25 -3.40 5.06
C VAL C 59 16.05 -4.67 5.35
N LEU C 60 17.35 -4.54 5.52
CA LEU C 60 18.23 -5.60 5.99
C LEU C 60 18.76 -5.19 7.35
N ALA C 61 18.68 -6.08 8.34
CA ALA C 61 19.12 -5.73 9.69
C ALA C 61 19.98 -6.87 10.23
N PRO C 62 21.29 -6.81 9.99
CA PRO C 62 22.19 -7.84 10.54
C PRO C 62 22.37 -7.60 12.03
N MET C 63 22.06 -8.61 12.84
CA MET C 63 22.28 -8.47 14.27
C MET C 63 22.34 -9.87 14.90
N THR C 64 23.26 -10.05 15.83
CA THR C 64 23.30 -11.26 16.65
C THR C 64 22.52 -11.03 17.93
N VAL C 65 21.44 -11.79 18.12
CA VAL C 65 20.49 -11.58 19.20
C VAL C 65 20.96 -12.38 20.41
N PRO C 66 21.23 -11.77 21.58
CA PRO C 66 21.48 -12.58 22.79
C PRO C 66 20.23 -13.36 23.17
N HIS C 67 20.42 -14.44 23.93
CA HIS C 67 19.29 -15.31 24.26
C HIS C 67 18.20 -14.57 25.00
N TYR C 68 18.56 -13.71 25.95
CA TYR C 68 17.51 -13.09 26.76
C TYR C 68 16.63 -12.14 25.95
N LEU C 69 17.03 -11.78 24.72
CA LEU C 69 16.24 -10.93 23.84
C LEU C 69 15.61 -11.69 22.67
N SER C 70 15.81 -13.02 22.59
CA SER C 70 15.43 -13.75 21.39
C SER C 70 13.93 -13.95 21.26
N PHE C 71 13.15 -13.65 22.30
CA PHE C 71 11.70 -13.70 22.22
C PHE C 71 11.14 -12.58 21.35
N LEU C 72 11.96 -11.62 20.96
CA LEU C 72 11.39 -10.40 20.42
C LEU C 72 11.34 -10.38 18.89
N PRO C 73 12.41 -10.74 18.17
CA PRO C 73 12.35 -10.66 16.70
C PRO C 73 11.59 -11.82 16.10
N GLN C 74 10.98 -11.59 14.97
CA GLN C 74 10.26 -12.63 14.28
C GLN C 74 11.12 -13.20 13.16
N PRO C 75 10.72 -14.36 12.58
CA PRO C 75 11.57 -15.02 11.59
C PRO C 75 11.97 -14.10 10.45
N GLY C 76 13.28 -14.00 10.20
CA GLY C 76 13.80 -13.24 9.08
C GLY C 76 14.03 -11.77 9.31
N GLU C 77 13.66 -11.23 10.47
CA GLU C 77 13.80 -9.80 10.67
C GLU C 77 15.26 -9.42 10.90
N LEU C 78 16.02 -10.29 11.57
CA LEU C 78 17.41 -10.05 11.89
C LEU C 78 18.23 -11.18 11.29
N THR C 79 19.36 -10.84 10.66
CA THR C 79 20.16 -11.79 9.88
C THR C 79 21.59 -11.86 10.38
N ALA C 80 22.32 -12.83 9.83
CA ALA C 80 23.74 -12.94 10.03
C ALA C 80 24.42 -11.73 9.43
N PRO C 81 25.68 -11.47 9.80
CA PRO C 81 26.39 -10.32 9.24
C PRO C 81 26.44 -10.38 7.72
N LEU C 82 26.46 -9.21 7.10
CA LEU C 82 26.60 -9.13 5.66
C LEU C 82 28.06 -9.34 5.27
N GLU C 83 28.31 -10.19 4.27
CA GLU C 83 29.67 -10.33 3.76
C GLU C 83 30.00 -9.20 2.79
N SER C 84 29.00 -8.72 2.05
CA SER C 84 29.12 -7.59 1.15
C SER C 84 27.91 -6.69 1.30
N TRP C 85 28.05 -5.44 0.84
CA TRP C 85 26.93 -4.49 0.85
C TRP C 85 26.11 -4.62 -0.43
N PRO C 86 24.79 -4.43 -0.34
CA PRO C 86 23.97 -4.45 -1.54
C PRO C 86 24.04 -3.14 -2.31
N GLN C 87 23.83 -3.24 -3.61
CA GLN C 87 23.93 -2.08 -4.49
C GLN C 87 22.98 -0.99 -4.04
N GLY C 88 23.50 0.22 -3.89
CA GLY C 88 22.63 1.36 -3.59
C GLY C 88 22.02 1.33 -2.20
N ALA C 89 22.72 0.77 -1.21
CA ALA C 89 22.15 0.74 0.13
C ALA C 89 22.33 2.08 0.81
N LEU C 90 21.43 2.39 1.75
CA LEU C 90 21.62 3.39 2.77
C LEU C 90 21.80 2.71 4.13
N ALA C 91 22.76 3.18 4.92
CA ALA C 91 22.99 2.61 6.24
C ALA C 91 22.35 3.50 7.30
N ALA C 92 21.51 2.91 8.15
CA ALA C 92 20.88 3.62 9.26
C ALA C 92 21.47 3.05 10.55
N VAL C 93 22.27 3.88 11.22
CA VAL C 93 23.06 3.48 12.37
C VAL C 93 22.41 4.06 13.60
N LEU C 94 22.03 3.18 14.51
CA LEU C 94 21.23 3.54 15.67
C LEU C 94 22.02 3.17 16.92
N ASP C 95 21.89 3.97 17.97
CA ASP C 95 22.40 3.70 19.32
C ASP C 95 23.93 3.52 19.32
N VAL C 96 24.61 4.07 18.32
CA VAL C 96 26.08 3.99 18.23
C VAL C 96 26.49 4.98 17.16
N ASP C 97 27.76 5.39 17.17
CA ASP C 97 28.27 6.38 16.22
C ASP C 97 28.72 5.69 14.93
N ASN C 98 28.25 6.21 13.79
CA ASN C 98 28.69 5.65 12.51
C ASN C 98 30.19 5.92 12.29
N ASN C 99 30.73 6.98 12.89
CA ASN C 99 32.15 7.28 12.81
C ASN C 99 32.98 6.43 13.76
N ASP C 100 32.37 5.40 14.34
CA ASP C 100 33.02 4.45 15.24
C ASP C 100 32.82 3.04 14.71
N PRO C 101 33.35 2.75 13.53
CA PRO C 101 33.01 1.48 12.87
C PRO C 101 33.37 0.24 13.68
N VAL C 102 34.35 0.31 14.58
CA VAL C 102 34.75 -0.89 15.33
C VAL C 102 33.60 -1.39 16.20
N ARG C 103 32.78 -0.47 16.74
CA ARG C 103 31.66 -0.87 17.57
C ARG C 103 30.38 -1.10 16.77
N VAL C 104 30.41 -0.98 15.44
CA VAL C 104 29.19 -1.14 14.64
C VAL C 104 29.17 -2.56 14.08
N ALA C 105 28.21 -3.35 14.54
CA ALA C 105 28.14 -4.77 14.22
C ALA C 105 27.15 -5.06 13.10
N GLY C 106 27.41 -6.16 12.39
CA GLY C 106 26.55 -6.67 11.35
C GLY C 106 27.05 -6.37 9.95
N ALA C 107 27.80 -5.30 9.80
CA ALA C 107 28.32 -4.92 8.50
C ALA C 107 29.53 -4.03 8.71
N ASP C 108 30.45 -4.06 7.75
CA ASP C 108 31.72 -3.33 7.86
C ASP C 108 31.57 -1.98 7.18
N LEU C 109 31.41 -0.94 7.99
CA LEU C 109 31.22 0.41 7.49
C LEU C 109 32.43 0.94 6.73
N THR C 110 33.66 0.56 7.12
CA THR C 110 34.84 1.07 6.43
C THR C 110 34.89 0.69 4.96
N GLN C 111 33.98 -0.15 4.48
CA GLN C 111 33.97 -0.54 3.08
C GLN C 111 32.67 -0.15 2.41
N PHE C 112 31.90 0.73 3.04
CA PHE C 112 30.66 1.26 2.49
C PHE C 112 30.86 2.76 2.27
N ASP C 113 30.53 3.23 1.09
CA ASP C 113 30.64 4.65 0.82
C ASP C 113 29.39 5.21 0.14
N GLY C 114 28.22 4.70 0.52
CA GLY C 114 26.94 5.33 0.23
C GLY C 114 26.45 6.13 1.43
N PRO C 115 25.19 6.58 1.40
CA PRO C 115 24.72 7.49 2.44
C PRO C 115 24.58 6.78 3.78
N VAL C 116 24.84 7.54 4.84
CA VAL C 116 24.74 7.07 6.20
C VAL C 116 23.85 8.03 6.97
N VAL C 117 22.90 7.47 7.69
CA VAL C 117 22.03 8.20 8.59
C VAL C 117 22.32 7.72 10.01
N ASN C 118 22.19 8.62 10.98
CA ASN C 118 22.56 8.32 12.37
C ASN C 118 21.54 8.84 13.37
N VAL C 119 21.21 8.00 14.35
CA VAL C 119 20.36 8.37 15.47
C VAL C 119 20.99 7.81 16.74
N ASP C 120 21.43 8.69 17.64
CA ASP C 120 22.21 8.25 18.78
C ASP C 120 21.97 9.19 19.95
N HIS C 121 22.26 8.70 21.17
CA HIS C 121 22.12 9.51 22.38
C HIS C 121 23.37 9.47 23.26
N HIS C 122 24.55 9.33 22.64
CA HIS C 122 25.83 9.28 23.34
C HIS C 122 26.63 10.54 23.06
N GLY C 123 27.14 11.16 24.12
CA GLY C 123 27.75 12.48 23.99
C GLY C 123 28.99 12.52 23.11
N THR C 124 29.72 11.40 23.00
CA THR C 124 30.98 11.41 22.27
C THR C 124 30.81 11.29 20.77
N ASN C 125 29.59 11.13 20.29
CA ASN C 125 29.33 11.05 18.83
C ASN C 125 30.04 12.21 18.11
N LEU C 126 30.67 11.92 16.97
CA LEU C 126 31.42 12.94 16.21
C LEU C 126 30.45 13.78 15.37
N ARG C 127 29.17 13.47 15.42
CA ARG C 127 28.13 14.26 14.70
C ARG C 127 28.52 14.45 13.25
N ARG C 128 28.78 13.35 12.54
CA ARG C 128 29.11 13.43 11.09
C ARG C 128 28.35 12.34 10.34
N ALA C 129 27.39 12.75 9.52
CA ALA C 129 26.61 11.79 8.70
C ALA C 129 25.83 12.58 7.65
N ASP C 130 25.34 11.89 6.63
CA ASP C 130 24.51 12.56 5.59
C ASP C 130 23.33 13.19 6.31
N ALA C 131 22.77 12.48 7.30
CA ALA C 131 21.78 13.11 8.14
C ALA C 131 21.84 12.43 9.50
N GLY C 132 21.77 13.21 10.56
CA GLY C 132 21.99 12.64 11.88
C GLY C 132 21.35 13.49 12.94
N VAL C 133 21.04 12.85 14.05
CA VAL C 133 20.52 13.53 15.23
C VAL C 133 21.12 12.85 16.45
N VAL C 134 21.71 13.65 17.35
CA VAL C 134 22.34 13.16 18.57
C VAL C 134 21.88 14.01 19.74
N ASP C 135 21.34 13.37 20.76
CA ASP C 135 20.80 14.09 21.91
C ASP C 135 21.05 13.32 23.17
N PRO C 136 22.10 13.67 23.91
CA PRO C 136 22.42 12.94 25.14
C PRO C 136 21.43 13.21 26.25
N SER C 137 20.53 14.18 26.10
CA SER C 137 19.47 14.35 27.07
C SER C 137 18.32 13.34 26.91
N LYS C 138 18.32 12.52 25.85
CA LYS C 138 17.34 11.43 25.79
C LYS C 138 17.96 10.16 26.36
N PRO C 139 17.34 9.51 27.34
CA PRO C 139 17.98 8.34 27.96
C PRO C 139 17.94 7.08 27.12
N ALA C 140 17.30 7.07 25.96
CA ALA C 140 17.28 5.85 25.15
C ALA C 140 17.18 6.25 23.69
N ALA C 141 17.94 5.56 22.83
CA ALA C 141 17.81 5.82 21.39
C ALA C 141 16.39 5.49 20.91
N ALA C 142 15.73 4.52 21.56
CA ALA C 142 14.36 4.19 21.20
C ALA C 142 13.42 5.39 21.23
N MET C 143 13.64 6.34 22.16
CA MET C 143 12.84 7.58 22.19
C MET C 143 13.01 8.35 20.91
N MET C 144 14.25 8.48 20.44
CA MET C 144 14.54 9.29 19.27
C MET C 144 14.11 8.59 18.01
N VAL C 145 14.12 7.27 18.03
CA VAL C 145 13.62 6.52 16.90
C VAL C 145 12.11 6.69 16.83
N ALA C 146 11.43 6.80 17.97
CA ALA C 146 9.99 7.05 17.96
C ALA C 146 9.69 8.40 17.34
N ASP C 147 10.56 9.38 17.53
CA ASP C 147 10.32 10.67 16.92
C ASP C 147 10.64 10.65 15.43
N VAL C 148 11.66 9.88 15.04
CA VAL C 148 11.91 9.65 13.62
C VAL C 148 10.68 9.00 12.97
N ILE C 149 10.09 8.00 13.63
CA ILE C 149 8.96 7.28 13.05
C ILE C 149 7.75 8.17 12.87
N ASP C 150 7.46 9.02 13.86
CA ASP C 150 6.41 10.01 13.66
C ASP C 150 6.73 10.90 12.45
N ALA C 151 8.01 11.29 12.31
CA ALA C 151 8.38 12.14 11.18
C ALA C 151 8.38 11.40 9.85
N LEU C 152 8.27 10.07 9.88
CA LEU C 152 8.17 9.29 8.64
C LEU C 152 6.74 9.29 8.08
N GLY C 153 5.75 9.74 8.87
CA GLY C 153 4.34 9.63 8.52
C GLY C 153 3.52 8.88 9.56
N ALA C 154 4.14 8.60 10.71
CA ALA C 154 3.51 7.89 11.81
C ALA C 154 2.87 6.55 11.44
N PRO C 155 3.64 5.60 10.85
CA PRO C 155 3.10 4.25 10.56
C PRO C 155 3.09 3.33 11.78
N TRP C 156 2.31 3.71 12.80
CA TRP C 156 2.34 3.04 14.10
C TRP C 156 1.48 1.78 14.13
N SER C 157 1.98 0.77 14.82
CA SER C 157 1.21 -0.43 15.15
C SER C 157 1.77 -0.97 16.45
N GLU C 158 1.11 -1.98 17.02
CA GLU C 158 1.65 -2.63 18.21
C GLU C 158 3.05 -3.15 17.92
N ALA C 159 3.27 -3.66 16.71
CA ALA C 159 4.52 -4.33 16.42
C ALA C 159 5.66 -3.34 16.25
N VAL C 160 5.35 -2.09 15.91
CA VAL C 160 6.37 -1.04 15.93
C VAL C 160 6.63 -0.58 17.35
N ALA C 161 5.56 -0.39 18.14
CA ALA C 161 5.73 0.28 19.43
C ALA C 161 6.41 -0.63 20.44
N THR C 162 6.06 -1.93 20.44
CA THR C 162 6.53 -2.84 21.46
C THR C 162 8.05 -2.94 21.55
N PRO C 163 8.77 -3.09 20.42
CA PRO C 163 10.24 -3.13 20.53
C PRO C 163 10.83 -1.82 21.04
N LEU C 164 10.21 -0.68 20.71
CA LEU C 164 10.71 0.59 21.19
C LEU C 164 10.51 0.74 22.69
N MET C 165 9.38 0.28 23.21
CA MET C 165 9.14 0.28 24.64
C MET C 165 10.15 -0.60 25.39
N LEU C 166 10.56 -1.72 24.78
CA LEU C 166 11.59 -2.56 25.39
C LEU C 166 12.91 -1.80 25.56
N GLY C 167 13.36 -1.12 24.51
CA GLY C 167 14.59 -0.35 24.59
C GLY C 167 14.50 0.80 25.57
N LEU C 168 13.33 1.43 25.67
CA LEU C 168 13.10 2.47 26.66
C LEU C 168 13.18 1.91 28.06
N ASN C 169 12.60 0.73 28.26
CA ASN C 169 12.66 0.07 29.55
C ASN C 169 14.09 -0.26 29.95
N THR C 170 14.84 -0.90 29.06
CA THR C 170 16.17 -1.39 29.45
C THR C 170 17.20 -0.26 29.55
N ASP C 171 17.13 0.78 28.72
CA ASP C 171 18.15 1.84 28.88
C ASP C 171 17.88 2.76 30.05
N THR C 172 16.67 2.73 30.62
CA THR C 172 16.32 3.55 31.77
C THR C 172 16.23 2.75 33.05
N GLY C 173 16.57 1.47 32.99
CA GLY C 173 16.39 0.58 34.11
C GLY C 173 14.95 0.52 34.58
N ASN C 174 13.99 0.40 33.68
CA ASN C 174 12.57 0.48 34.05
C ASN C 174 12.25 1.80 34.76
N PHE C 175 12.62 2.91 34.09
CA PHE C 175 12.24 4.27 34.50
C PHE C 175 12.70 4.59 35.92
N ALA C 176 13.89 4.14 36.22
CA ALA C 176 14.46 4.23 37.56
C ALA C 176 15.70 5.11 37.69
N PHE C 177 16.39 5.42 36.59
CA PHE C 177 17.62 6.22 36.70
C PHE C 177 17.32 7.71 36.75
N ASP C 178 18.33 8.49 37.18
CA ASP C 178 18.20 9.94 37.21
C ASP C 178 18.12 10.56 35.80
N SER C 179 18.46 9.78 34.77
CA SER C 179 18.33 10.19 33.37
C SER C 179 16.88 10.21 32.88
N VAL C 180 15.93 9.71 33.66
CA VAL C 180 14.54 9.66 33.21
C VAL C 180 13.94 11.07 33.33
N SER C 181 13.52 11.63 32.20
CA SER C 181 12.88 12.94 32.21
C SER C 181 11.36 12.81 32.13
N ALA C 182 10.68 13.94 32.38
CA ALA C 182 9.24 13.99 32.15
C ALA C 182 8.91 13.56 30.73
N GLU C 183 9.80 13.88 29.78
CA GLU C 183 9.54 13.57 28.38
C GLU C 183 9.67 12.07 28.11
N THR C 184 10.60 11.41 28.81
CA THR C 184 10.73 9.96 28.77
C THR C 184 9.42 9.26 29.12
N PHE C 185 8.74 9.72 30.17
CA PHE C 185 7.45 9.17 30.51
C PHE C 185 6.41 9.51 29.46
N GLU C 186 6.49 10.72 28.89
CA GLU C 186 5.55 11.07 27.83
C GLU C 186 5.72 10.14 26.63
N CYS C 187 6.96 9.84 26.26
CA CYS C 187 7.22 8.90 25.18
C CYS C 187 6.60 7.52 25.44
N ALA C 188 6.78 7.03 26.68
CA ALA C 188 6.23 5.74 27.05
C ALA C 188 4.71 5.73 26.96
N ALA C 189 4.08 6.84 27.36
CA ALA C 189 2.64 6.99 27.22
C ALA C 189 2.20 6.87 25.76
N ARG C 190 2.90 7.57 24.87
CA ARG C 190 2.60 7.48 23.44
C ARG C 190 2.72 6.05 22.95
N LEU C 191 3.83 5.41 23.27
CA LEU C 191 4.10 4.05 22.85
C LEU C 191 3.03 3.10 23.36
N ARG C 192 2.51 3.35 24.58
CA ARG C 192 1.47 2.49 25.13
C ARG C 192 0.16 2.70 24.38
N ALA C 193 -0.17 3.95 24.04
CA ALA C 193 -1.40 4.20 23.27
C ALA C 193 -1.32 3.57 21.88
N HIS C 194 -0.12 3.54 21.28
CA HIS C 194 0.12 2.87 20.01
C HIS C 194 0.08 1.37 20.14
N GLY C 195 0.00 0.83 21.35
CA GLY C 195 -0.21 -0.59 21.54
C GLY C 195 0.92 -1.38 22.18
N ALA C 196 2.03 -0.73 22.57
CA ALA C 196 3.17 -1.46 23.11
C ALA C 196 2.74 -2.33 24.29
N ARG C 197 3.17 -3.59 24.26
CA ARG C 197 2.66 -4.63 25.16
C ARG C 197 3.52 -4.71 26.42
N ILE C 198 3.25 -3.83 27.41
CA ILE C 198 4.15 -3.77 28.56
C ILE C 198 4.06 -4.99 29.46
N GLY C 199 2.89 -5.58 29.63
CA GLY C 199 2.81 -6.80 30.39
C GLY C 199 3.63 -7.92 29.78
N TRP C 200 3.43 -8.17 28.48
CA TRP C 200 4.13 -9.27 27.81
C TRP C 200 5.64 -9.08 27.85
N LEU C 201 6.11 -7.86 27.59
CA LEU C 201 7.54 -7.55 27.62
C LEU C 201 8.15 -7.90 28.96
N ASN C 202 7.49 -7.50 30.05
CA ASN C 202 8.13 -7.70 31.34
C ASN C 202 7.96 -9.12 31.84
N ASP C 203 6.91 -9.82 31.40
CA ASP C 203 6.90 -11.28 31.57
C ASP C 203 8.14 -11.91 30.97
N GLN C 204 8.44 -11.56 29.71
CA GLN C 204 9.53 -12.19 29.00
C GLN C 204 10.88 -11.79 29.58
N MET C 205 10.98 -10.55 30.06
CA MET C 205 12.25 -10.08 30.63
C MET C 205 12.52 -10.64 32.02
N ARG C 206 11.49 -11.10 32.73
CA ARG C 206 11.67 -11.73 34.04
C ARG C 206 12.20 -13.16 33.97
N GLN C 207 12.33 -13.73 32.78
CA GLN C 207 12.77 -15.12 32.65
C GLN C 207 14.27 -15.23 32.83
N ASN C 208 14.71 -16.33 33.43
CA ASN C 208 16.14 -16.53 33.61
C ASN C 208 16.49 -18.00 33.45
N PRO C 209 17.61 -18.30 32.80
CA PRO C 209 18.01 -19.71 32.65
C PRO C 209 18.39 -20.29 33.99
N GLN C 210 18.43 -21.63 34.05
CA GLN C 210 18.89 -22.33 35.25
C GLN C 210 20.26 -21.84 35.70
N SER C 211 21.19 -21.66 34.76
CA SER C 211 22.53 -21.15 35.06
C SER C 211 22.49 -19.91 35.95
N TYR C 212 21.51 -19.02 35.72
CA TYR C 212 21.40 -17.81 36.53
C TYR C 212 21.22 -18.12 38.01
N TYR C 213 20.27 -19.02 38.33
CA TYR C 213 20.04 -19.37 39.74
C TYR C 213 21.20 -20.14 40.32
N LEU C 214 21.81 -21.02 39.52
CA LEU C 214 22.91 -21.85 40.01
C LEU C 214 24.18 -21.01 40.20
N LEU C 215 24.42 -20.04 39.32
CA LEU C 215 25.56 -19.15 39.56
C LEU C 215 25.34 -18.30 40.80
N LEU C 216 24.13 -17.76 40.97
CA LEU C 216 23.84 -16.96 42.16
C LEU C 216 24.01 -17.78 43.43
N ARG C 217 23.58 -19.06 43.40
CA ARG C 217 23.84 -19.95 44.51
C ARG C 217 25.32 -20.04 44.82
N GLU C 218 26.15 -20.27 43.80
CA GLU C 218 27.60 -20.36 43.99
C GLU C 218 28.18 -19.07 44.54
N VAL C 219 27.83 -17.93 43.93
CA VAL C 219 28.38 -16.63 44.35
C VAL C 219 28.01 -16.31 45.79
N LEU C 220 26.72 -16.41 46.11
CA LEU C 220 26.30 -16.12 47.48
C LEU C 220 26.93 -17.10 48.47
N GLY C 221 27.31 -18.28 48.02
CA GLY C 221 27.89 -19.25 48.95
C GLY C 221 29.27 -18.84 49.39
N LYS C 222 29.92 -17.96 48.62
CA LYS C 222 31.23 -17.43 48.97
C LYS C 222 31.14 -16.06 49.62
N LEU C 223 29.93 -15.54 49.82
CA LEU C 223 29.75 -14.15 50.21
C LEU C 223 30.12 -13.93 51.66
N GLU C 224 30.81 -12.81 51.92
CA GLU C 224 31.20 -12.45 53.28
C GLU C 224 30.91 -10.99 53.56
N PHE C 225 30.39 -10.71 54.75
CA PHE C 225 30.29 -9.35 55.27
C PHE C 225 31.37 -9.17 56.32
N LEU C 226 32.20 -8.15 56.13
CA LEU C 226 33.44 -7.98 56.86
C LEU C 226 33.45 -6.60 57.46
N HIS C 227 34.36 -6.40 58.42
CA HIS C 227 34.54 -5.09 59.06
C HIS C 227 33.22 -4.52 59.57
N GLY C 228 32.48 -5.36 60.29
CA GLY C 228 31.17 -4.97 60.79
C GLY C 228 30.19 -4.57 59.69
N GLY C 229 30.26 -5.24 58.54
CA GLY C 229 29.33 -4.97 57.48
C GLY C 229 29.73 -3.84 56.54
N ARG C 230 30.90 -3.22 56.77
CA ARG C 230 31.34 -2.15 55.90
C ARG C 230 31.82 -2.67 54.56
N VAL C 231 32.24 -3.94 54.52
CA VAL C 231 32.84 -4.51 53.34
C VAL C 231 32.08 -5.78 53.01
N VAL C 232 31.80 -5.97 51.73
CA VAL C 232 31.18 -7.19 51.26
C VAL C 232 32.07 -7.71 50.12
N GLN C 233 32.39 -8.99 50.17
CA GLN C 233 33.30 -9.63 49.24
C GLN C 233 32.72 -10.94 48.75
N THR C 234 33.08 -11.34 47.54
CA THR C 234 32.82 -12.72 47.16
C THR C 234 33.76 -13.02 46.00
N ARG C 235 33.57 -14.19 45.38
CA ARG C 235 34.51 -14.71 44.41
C ARG C 235 33.84 -15.75 43.52
N VAL C 236 34.33 -15.83 42.30
CA VAL C 236 33.91 -16.87 41.35
C VAL C 236 35.15 -17.47 40.72
N ASP C 237 35.19 -18.79 40.61
CA ASP C 237 36.26 -19.49 39.91
C ASP C 237 35.67 -20.47 38.89
N GLU C 238 36.57 -21.21 38.23
CA GLU C 238 36.17 -22.13 37.16
C GLU C 238 35.31 -23.27 37.69
N GLU C 239 35.63 -23.79 38.88
CA GLU C 239 34.83 -24.88 39.47
C GLU C 239 33.37 -24.48 39.57
N MET C 240 33.15 -23.25 40.04
CA MET C 240 31.84 -22.77 40.34
C MET C 240 31.04 -22.60 39.04
N LEU C 241 31.69 -22.04 38.01
CA LEU C 241 31.08 -21.87 36.71
C LEU C 241 30.65 -23.21 36.10
N ALA C 242 31.45 -24.26 36.30
CA ALA C 242 31.11 -25.56 35.72
C ALA C 242 29.92 -26.19 36.43
N ARG C 243 29.88 -26.07 37.76
CA ARG C 243 28.71 -26.55 38.49
C ARG C 243 27.46 -25.79 38.10
N ALA C 244 27.59 -24.47 37.95
CA ALA C 244 26.44 -23.66 37.60
C ALA C 244 26.04 -23.85 36.14
N GLY C 245 26.91 -24.43 35.32
CA GLY C 245 26.73 -24.37 33.87
C GLY C 245 26.78 -22.97 33.30
N ALA C 246 27.67 -22.10 33.77
CA ALA C 246 27.60 -20.67 33.45
C ALA C 246 28.88 -20.18 32.79
N THR C 247 28.82 -18.96 32.27
CA THR C 247 29.96 -18.32 31.61
C THR C 247 30.49 -17.18 32.46
N TRP C 248 31.74 -16.83 32.15
CA TRP C 248 32.34 -15.65 32.75
C TRP C 248 31.51 -14.40 32.47
N GLU C 249 30.87 -14.32 31.29
CA GLU C 249 30.04 -13.14 30.99
C GLU C 249 28.93 -12.98 32.02
N GLN C 250 28.39 -14.09 32.52
CA GLN C 250 27.27 -14.02 33.45
C GLN C 250 27.69 -13.51 34.83
N VAL C 251 28.98 -13.35 35.10
CA VAL C 251 29.40 -12.81 36.39
C VAL C 251 29.36 -11.28 36.42
N GLU C 252 29.29 -10.61 35.25
CA GLU C 252 29.55 -9.16 35.17
C GLU C 252 28.65 -8.32 36.04
N ASN C 253 27.40 -8.71 36.25
CA ASN C 253 26.52 -7.80 36.99
C ASN C 253 26.83 -7.77 38.49
N TYR C 254 27.36 -8.86 39.05
CA TYR C 254 27.19 -9.11 40.47
C TYR C 254 27.84 -8.04 41.38
N VAL C 255 28.91 -7.37 40.93
CA VAL C 255 29.48 -6.38 41.85
C VAL C 255 28.52 -5.21 42.11
N SER C 256 27.59 -4.96 41.19
CA SER C 256 26.58 -3.90 41.39
C SER C 256 25.55 -4.33 42.44
N MET C 257 25.16 -5.60 42.43
CA MET C 257 24.23 -6.13 43.46
C MET C 257 24.86 -6.00 44.84
N LEU C 258 26.11 -6.42 44.97
CA LEU C 258 26.79 -6.39 46.29
C LEU C 258 26.84 -4.96 46.79
N ARG C 259 26.97 -3.99 45.89
CA ARG C 259 27.13 -2.63 46.35
C ARG C 259 25.89 -2.10 47.07
N ASN C 260 24.72 -2.71 46.84
CA ASN C 260 23.49 -2.28 47.49
C ASN C 260 23.27 -2.92 48.86
N ALA C 261 24.27 -3.64 49.38
CA ALA C 261 24.16 -4.14 50.75
C ALA C 261 24.17 -2.95 51.71
N GLU C 262 23.15 -2.89 52.54
CA GLU C 262 22.93 -1.72 53.38
C GLU C 262 24.00 -1.65 54.49
N GLY C 263 24.66 -0.50 54.60
CA GLY C 263 25.79 -0.37 55.50
C GLY C 263 27.14 -0.63 54.87
N ALA C 264 27.20 -1.20 53.66
CA ALA C 264 28.48 -1.46 53.02
C ALA C 264 29.01 -0.19 52.36
N GLN C 265 30.31 0.08 52.56
CA GLN C 265 30.97 1.15 51.83
C GLN C 265 31.92 0.64 50.76
N LEU C 266 32.16 -0.66 50.71
CA LEU C 266 33.04 -1.25 49.71
C LEU C 266 32.45 -2.60 49.33
N ALA C 267 32.41 -2.87 48.03
CA ALA C 267 32.01 -4.17 47.52
C ALA C 267 33.10 -4.65 46.60
N VAL C 268 33.48 -5.93 46.75
CA VAL C 268 34.56 -6.47 45.93
C VAL C 268 34.09 -7.76 45.31
N MET C 269 34.24 -7.88 44.00
CA MET C 269 34.10 -9.14 43.30
C MET C 269 35.48 -9.58 42.82
N ALA C 270 35.83 -10.84 43.07
CA ALA C 270 37.06 -11.44 42.57
C ALA C 270 36.69 -12.49 41.54
N LYS C 271 37.18 -12.31 40.31
CA LYS C 271 37.13 -13.37 39.31
C LYS C 271 38.43 -14.13 39.42
N ASP C 272 38.38 -15.37 39.89
CA ASP C 272 39.59 -16.14 40.16
C ASP C 272 39.81 -17.01 38.93
N TYR C 273 40.72 -16.56 38.09
CA TYR C 273 41.15 -17.44 36.99
C TYR C 273 42.24 -18.23 37.72
N GLY C 274 42.58 -19.42 37.29
CA GLY C 274 43.55 -20.17 38.13
C GLY C 274 44.83 -19.42 38.47
N ASP C 275 45.48 -18.80 37.48
CA ASP C 275 46.82 -18.18 37.68
C ASP C 275 46.75 -16.70 38.09
N ARG C 276 45.57 -16.12 38.10
CA ARG C 276 45.50 -14.70 38.40
C ARG C 276 44.07 -14.35 38.82
N VAL C 277 43.91 -13.20 39.46
CA VAL C 277 42.65 -12.82 40.07
C VAL C 277 42.30 -11.40 39.64
N LYS C 278 41.13 -11.21 39.01
CA LYS C 278 40.69 -9.89 38.60
C LYS C 278 39.71 -9.37 39.64
N PHE C 279 40.08 -8.30 40.32
CA PHE C 279 39.25 -7.70 41.36
C PHE C 279 38.47 -6.53 40.79
N SER C 280 37.14 -6.51 40.95
CA SER C 280 36.35 -5.30 40.70
C SER C 280 35.87 -4.68 42.01
N LEU C 281 36.11 -3.38 42.16
CA LEU C 281 35.82 -2.72 43.46
C LEU C 281 34.84 -1.57 43.27
N ARG C 282 33.86 -1.48 44.16
CA ARG C 282 32.88 -0.39 44.12
C ARG C 282 32.75 0.16 45.54
N SER C 283 32.84 1.48 45.68
CA SER C 283 32.85 2.13 47.01
C SER C 283 31.81 3.24 47.15
N ARG C 284 31.60 3.69 48.35
CA ARG C 284 30.73 4.88 48.52
C ARG C 284 31.20 5.60 49.79
N GLY C 285 30.57 6.69 50.14
CA GLY C 285 31.01 7.53 51.28
C GLY C 285 32.46 7.94 51.13
N PRO C 286 33.27 7.87 52.20
CA PRO C 286 34.68 8.29 52.15
C PRO C 286 35.62 7.25 51.59
N VAL C 287 35.20 5.99 51.46
CA VAL C 287 36.11 4.94 51.01
C VAL C 287 36.45 5.15 49.54
N SER C 288 37.72 5.02 49.23
CA SER C 288 38.26 5.13 47.89
C SER C 288 38.58 3.72 47.40
N ALA C 289 37.77 3.22 46.46
CA ALA C 289 38.16 2.00 45.76
C ALA C 289 39.48 2.18 45.02
N GLN C 290 39.74 3.37 44.47
CA GLN C 290 41.00 3.60 43.75
C GLN C 290 42.22 3.29 44.60
N ASN C 291 42.24 3.82 45.84
CA ASN C 291 43.42 3.60 46.69
C ASN C 291 43.69 2.14 46.90
N ILE C 292 42.64 1.33 47.08
CA ILE C 292 42.81 -0.10 47.28
C ILE C 292 43.30 -0.75 46.00
N ALA C 293 42.68 -0.41 44.86
CA ALA C 293 43.12 -0.96 43.59
C ALA C 293 44.59 -0.60 43.32
N VAL C 294 44.98 0.64 43.56
CA VAL C 294 46.35 1.07 43.26
C VAL C 294 47.34 0.28 44.11
N ALA C 295 46.99 0.01 45.38
CA ALA C 295 47.86 -0.79 46.26
C ALA C 295 48.04 -2.21 45.74
N LEU C 296 47.11 -2.69 44.93
CA LEU C 296 47.19 -4.02 44.33
C LEU C 296 47.82 -3.99 42.95
N GLY C 297 48.32 -2.85 42.51
CA GLY C 297 48.88 -2.77 41.17
C GLY C 297 47.92 -2.26 40.13
N GLY C 298 46.72 -1.84 40.53
CA GLY C 298 45.70 -1.45 39.57
C GLY C 298 45.34 0.02 39.60
N GLY C 299 44.05 0.32 39.45
CA GLY C 299 43.65 1.71 39.49
C GLY C 299 42.20 1.92 39.12
N GLY C 300 41.86 3.18 38.85
CA GLY C 300 40.58 3.54 38.30
C GLY C 300 40.04 4.80 38.93
N HIS C 301 38.71 4.94 38.87
CA HIS C 301 38.06 6.07 39.48
C HIS C 301 37.96 5.88 40.99
N VAL C 302 37.76 6.97 41.70
CA VAL C 302 37.72 6.91 43.16
C VAL C 302 36.68 5.88 43.61
N PRO C 303 35.46 5.87 43.08
CA PRO C 303 34.48 4.89 43.56
C PRO C 303 34.35 3.62 42.74
N ALA C 304 35.11 3.47 41.66
CA ALA C 304 34.99 2.27 40.84
C ALA C 304 36.35 2.03 40.22
N ALA C 305 36.93 0.88 40.57
CA ALA C 305 38.33 0.58 40.33
C ALA C 305 38.46 -0.93 40.12
N GLY C 306 39.67 -1.35 39.75
CA GLY C 306 39.98 -2.75 39.53
C GLY C 306 41.48 -2.97 39.49
N ALA C 307 41.87 -4.26 39.56
CA ALA C 307 43.29 -4.68 39.53
C ALA C 307 43.34 -6.16 39.22
N THR C 308 44.34 -6.59 38.44
CA THR C 308 44.57 -8.01 38.18
C THR C 308 45.85 -8.37 38.92
N VAL C 309 45.75 -9.28 39.88
CA VAL C 309 46.89 -9.78 40.63
C VAL C 309 47.23 -11.15 40.08
N ILE C 310 48.46 -11.32 39.59
CA ILE C 310 48.88 -12.59 38.99
C ILE C 310 49.48 -13.42 40.12
N SER C 311 48.59 -14.13 40.82
CA SER C 311 48.93 -15.14 41.82
C SER C 311 47.67 -15.90 42.14
N SER C 312 47.81 -16.85 43.07
CA SER C 312 46.66 -17.63 43.51
C SER C 312 45.70 -16.74 44.29
N TYR C 313 44.45 -17.19 44.42
CA TYR C 313 43.47 -16.43 45.20
C TYR C 313 43.95 -16.18 46.62
N ALA C 314 44.52 -17.19 47.27
CA ALA C 314 44.90 -17.03 48.68
C ALA C 314 45.83 -15.84 48.85
N GLU C 315 46.90 -15.80 48.06
CA GLU C 315 47.86 -14.71 48.16
C GLU C 315 47.18 -13.37 47.82
N ALA C 316 46.35 -13.34 46.79
CA ALA C 316 45.72 -12.07 46.35
C ALA C 316 44.77 -11.51 47.42
N ARG C 317 44.00 -12.37 48.09
CA ARG C 317 43.04 -11.93 49.13
C ARG C 317 43.79 -11.32 50.31
N ALA C 318 44.90 -11.93 50.72
CA ALA C 318 45.72 -11.38 51.82
C ALA C 318 46.15 -9.97 51.46
N ARG C 319 46.63 -9.78 50.23
CA ARG C 319 47.03 -8.42 49.90
C ARG C 319 45.81 -7.49 49.79
N LEU C 320 44.71 -8.01 49.23
CA LEU C 320 43.48 -7.22 49.20
C LEU C 320 43.08 -6.78 50.60
N ASP C 321 43.06 -7.73 51.55
CA ASP C 321 42.60 -7.42 52.91
C ASP C 321 43.54 -6.46 53.60
N ALA C 322 44.84 -6.55 53.30
CA ALA C 322 45.75 -5.55 53.85
C ALA C 322 45.43 -4.17 53.30
N ALA C 323 45.16 -4.09 51.99
CA ALA C 323 44.86 -2.78 51.40
C ALA C 323 43.54 -2.22 51.91
N ILE C 324 42.53 -3.09 52.08
CA ILE C 324 41.26 -2.64 52.65
C ILE C 324 41.45 -2.15 54.08
N GLU C 325 42.23 -2.89 54.87
CA GLU C 325 42.51 -2.49 56.25
C GLU C 325 43.13 -1.09 56.31
N ALA C 326 44.02 -0.78 55.36
CA ALA C 326 44.66 0.54 55.36
C ALA C 326 43.70 1.64 54.98
N GLU C 327 42.87 1.42 53.96
CA GLU C 327 41.96 2.48 53.52
C GLU C 327 40.92 2.82 54.57
N LEU C 328 40.41 1.79 55.27
CA LEU C 328 39.40 2.04 56.30
C LEU C 328 39.99 2.79 57.48
N ALA C 329 41.22 2.40 57.88
CA ALA C 329 41.94 3.18 58.89
C ALA C 329 42.11 4.63 58.49
N ARG C 330 42.41 4.87 57.20
CA ARG C 330 42.56 6.23 56.70
C ARG C 330 41.28 7.04 56.91
N VAL C 331 40.15 6.47 56.48
CA VAL C 331 38.88 7.23 56.54
C VAL C 331 38.47 7.41 58.00
N ASP C 332 38.81 6.46 58.86
CA ASP C 332 38.39 6.50 60.28
C ASP C 332 39.21 7.52 61.06
N ALA C 333 40.50 7.65 60.72
CA ALA C 333 41.37 8.66 61.37
C ALA C 333 40.98 10.04 60.86
N GLN C 334 40.32 10.07 59.71
CA GLN C 334 39.85 11.36 59.16
C GLN C 334 38.74 11.88 60.06
N ALA C 335 38.59 13.21 60.15
CA ALA C 335 37.49 13.79 60.96
C ALA C 335 36.33 14.18 60.04
MG MG D . 2.60 -7.28 -8.19
MG MG E . 1.87 -7.86 -5.34
S SO4 F . -0.31 15.01 20.96
O1 SO4 F . -0.32 13.78 20.22
O2 SO4 F . -1.65 15.44 21.21
O3 SO4 F . 0.37 14.83 22.20
O4 SO4 F . 0.36 16.02 20.18
S SO4 G . -16.74 -13.32 -19.68
O1 SO4 G . -15.81 -14.24 -20.25
O2 SO4 G . -18.06 -13.64 -20.15
O3 SO4 G . -16.69 -13.41 -18.26
O4 SO4 G . -16.40 -11.99 -20.09
MG MG H . -20.01 3.96 -28.55
MG MG I . -21.60 7.05 -27.55
S SO4 J . 0.98 8.29 -19.30
O1 SO4 J . -0.01 9.27 -19.01
O2 SO4 J . 0.47 6.99 -18.97
O3 SO4 J . 2.15 8.56 -18.52
O4 SO4 J . 1.31 8.32 -20.69
S SO4 K . 1.58 -4.63 -37.09
O1 SO4 K . 0.90 -4.99 -38.29
O2 SO4 K . 0.91 -5.21 -35.96
O3 SO4 K . 2.92 -5.12 -37.14
O4 SO4 K . 1.60 -3.20 -36.96
MG MG L . 21.16 3.34 24.08
MG MG M . 22.70 0.39 23.65
S SO4 N . -0.01 -5.97 27.89
O1 SO4 N . -0.29 -5.24 26.68
O2 SO4 N . -1.21 -6.60 28.34
O3 SO4 N . 0.98 -6.98 27.63
O4 SO4 N . 0.46 -5.06 28.89
#